data_8ZJB
#
_entry.id   8ZJB
#
_cell.length_a   73.364
_cell.length_b   164.496
_cell.length_c   169.545
_cell.angle_alpha   90.00
_cell.angle_beta   90.00
_cell.angle_gamma   90.00
#
_symmetry.space_group_name_H-M   'P 21 21 21'
#
_entity_poly.entity_id   1
_entity_poly.type   'polypeptide(L)'
_entity_poly.pdbx_seq_one_letter_code
;GVGGVKLENILTIFVQRAKAKLPQGFTAAALGNWKGFSRRVDTVMEHYPKGLSEKAIKELRTAETKRFTDYAMLGPSDKY
NLLRPMQGVDEAMIAPNLVSLTGRKNQVLGDAGGRSVVCNVVMRSEAEGGGILLISSSKLDKQDFILPKGGLEKGEIAYG
AAKREVLEEGGVKVKKLKELGVTLVGDKTYESFLMRSKKVYEQWSESRRLRVWLPWDDAILLLKANKHDEMVEIVKQARA
AAAAKAA
;
_entity_poly.pdbx_strand_id   A,B,C,D,E,F
#
# COMPACT_ATOMS: atom_id res chain seq x y z
N VAL A 5 29.51 2.46 21.54
CA VAL A 5 28.77 1.96 20.39
C VAL A 5 29.69 1.65 19.21
N LYS A 6 29.38 2.31 18.08
CA LYS A 6 29.81 2.00 16.72
C LYS A 6 31.17 2.62 16.35
N LEU A 7 31.73 2.13 15.24
CA LEU A 7 33.02 2.60 14.75
C LEU A 7 33.21 2.14 13.32
N GLU A 8 33.00 3.05 12.35
CA GLU A 8 33.28 2.87 10.93
C GLU A 8 34.73 3.20 10.58
N ASN A 9 35.52 3.61 11.58
CA ASN A 9 36.94 3.94 11.45
C ASN A 9 37.76 2.70 11.15
N ILE A 10 37.74 1.78 12.11
CA ILE A 10 38.38 0.49 12.08
C ILE A 10 37.97 -0.30 10.85
N LEU A 11 36.78 -0.02 10.32
CA LEU A 11 36.39 -0.74 9.12
C LEU A 11 37.23 -0.29 7.93
N THR A 12 37.63 0.99 7.91
CA THR A 12 38.46 1.52 6.81
C THR A 12 39.93 1.19 7.01
N ILE A 13 40.46 1.36 8.22
CA ILE A 13 41.87 1.05 8.46
C ILE A 13 42.11 -0.45 8.48
N PHE A 14 41.05 -1.25 8.51
CA PHE A 14 41.20 -2.69 8.31
C PHE A 14 41.31 -3.04 6.83
N VAL A 15 40.53 -2.38 5.96
CA VAL A 15 40.58 -2.72 4.54
C VAL A 15 41.77 -2.09 3.82
N GLN A 16 42.41 -1.06 4.41
CA GLN A 16 43.65 -0.53 3.85
C GLN A 16 44.83 -1.45 4.16
N ARG A 17 44.96 -1.87 5.42
CA ARG A 17 46.03 -2.83 5.77
C ARG A 17 45.74 -4.24 5.29
N ALA A 18 44.49 -4.59 4.99
CA ALA A 18 44.21 -5.92 4.45
C ALA A 18 44.42 -5.95 2.95
N LYS A 19 44.13 -4.86 2.25
CA LYS A 19 44.52 -4.76 0.85
C LYS A 19 46.02 -4.91 0.68
N ALA A 20 46.80 -4.21 1.52
CA ALA A 20 48.27 -4.18 1.49
C ALA A 20 48.91 -5.56 1.58
N LYS A 21 48.87 -6.16 2.76
CA LYS A 21 49.65 -7.36 3.06
C LYS A 21 49.06 -8.65 2.45
N LEU A 22 48.08 -8.53 1.56
CA LEU A 22 47.40 -9.72 1.06
C LEU A 22 47.36 -9.74 -0.46
N PRO A 23 47.50 -10.92 -1.07
CA PRO A 23 47.37 -11.02 -2.54
C PRO A 23 46.00 -10.59 -3.05
N GLN A 24 46.01 -9.82 -4.15
CA GLN A 24 44.79 -9.28 -4.71
C GLN A 24 43.79 -10.40 -5.05
N GLY A 25 42.52 -10.15 -4.73
CA GLY A 25 41.48 -11.16 -4.86
C GLY A 25 41.39 -12.13 -3.71
N PHE A 26 41.93 -11.78 -2.54
CA PHE A 26 42.17 -12.73 -1.46
C PHE A 26 40.90 -13.43 -0.99
N THR A 27 41.03 -14.75 -0.76
CA THR A 27 39.90 -15.64 -0.48
C THR A 27 39.22 -15.23 0.82
N ALA A 28 37.97 -15.69 0.97
CA ALA A 28 37.37 -15.73 2.30
C ALA A 28 38.33 -16.41 3.29
N ALA A 29 38.83 -17.59 2.94
CA ALA A 29 39.76 -18.32 3.80
C ALA A 29 41.09 -17.58 3.95
N ALA A 30 41.54 -16.90 2.90
CA ALA A 30 42.83 -16.21 2.95
C ALA A 30 42.84 -15.11 3.99
N LEU A 31 41.82 -14.25 4.00
CA LEU A 31 41.76 -13.16 4.97
C LEU A 31 41.72 -13.68 6.39
N GLY A 32 41.13 -14.86 6.60
CA GLY A 32 40.95 -15.37 7.96
C GLY A 32 42.25 -15.87 8.57
N ASN A 33 43.01 -16.66 7.80
CA ASN A 33 44.29 -17.12 8.32
C ASN A 33 45.25 -15.98 8.63
N TRP A 34 44.93 -14.74 8.23
CA TRP A 34 45.78 -13.58 8.46
C TRP A 34 45.90 -13.27 9.95
N LYS A 35 47.05 -12.71 10.34
CA LYS A 35 47.35 -12.59 11.77
C LYS A 35 46.72 -11.35 12.39
N GLY A 36 46.69 -10.23 11.65
CA GLY A 36 46.14 -9.01 12.20
C GLY A 36 44.62 -9.00 12.23
N PHE A 37 43.98 -9.81 11.38
CA PHE A 37 42.52 -9.87 11.36
C PHE A 37 41.99 -10.32 12.72
N SER A 38 42.59 -11.36 13.29
CA SER A 38 42.15 -11.82 14.60
C SER A 38 42.41 -10.79 15.68
N ARG A 39 43.45 -9.96 15.52
CA ARG A 39 43.73 -8.93 16.52
C ARG A 39 42.59 -7.92 16.61
N ARG A 40 41.96 -7.61 15.47
CA ARG A 40 40.91 -6.59 15.45
C ARG A 40 39.62 -7.09 16.10
N VAL A 41 39.19 -8.31 15.74
CA VAL A 41 38.00 -8.89 16.36
C VAL A 41 38.12 -8.83 17.87
N ASP A 42 39.32 -9.10 18.38
CA ASP A 42 39.60 -8.92 19.80
C ASP A 42 39.23 -7.52 20.25
N THR A 43 39.59 -6.51 19.45
CA THR A 43 39.49 -5.12 19.85
C THR A 43 38.06 -4.76 20.20
N VAL A 44 37.12 -5.14 19.34
CA VAL A 44 35.74 -4.74 19.52
C VAL A 44 35.06 -5.59 20.59
N MET A 45 35.40 -6.89 20.66
CA MET A 45 34.86 -7.76 21.71
C MET A 45 35.04 -7.17 23.10
N GLU A 46 36.11 -6.39 23.29
CA GLU A 46 36.27 -5.67 24.55
C GLU A 46 35.12 -4.70 24.79
N HIS A 47 34.59 -4.09 23.71
CA HIS A 47 33.58 -3.05 23.86
C HIS A 47 32.27 -3.58 24.44
N TYR A 48 32.04 -4.88 24.37
CA TYR A 48 30.83 -5.47 24.96
C TYR A 48 30.95 -5.48 26.49
N PRO A 49 29.82 -5.40 27.20
CA PRO A 49 29.89 -5.35 28.66
C PRO A 49 30.43 -6.65 29.24
N LYS A 50 30.94 -6.52 30.47
CA LYS A 50 31.39 -7.67 31.23
C LYS A 50 30.21 -8.52 31.68
N GLY A 51 30.50 -9.67 32.28
CA GLY A 51 29.45 -10.56 32.77
C GLY A 51 28.74 -11.37 31.71
N LEU A 52 28.90 -11.01 30.44
CA LEU A 52 28.43 -11.84 29.34
C LEU A 52 28.92 -13.28 29.49
N SER A 53 27.99 -14.23 29.42
CA SER A 53 28.31 -15.63 29.58
C SER A 53 29.25 -16.12 28.47
N GLU A 54 29.88 -17.27 28.74
CA GLU A 54 30.77 -17.89 27.77
C GLU A 54 30.07 -18.14 26.43
N LYS A 55 28.96 -18.87 26.46
CA LYS A 55 28.36 -19.26 25.18
C LYS A 55 27.81 -18.07 24.40
N ALA A 56 27.53 -16.95 25.10
CA ALA A 56 27.14 -15.69 24.46
C ALA A 56 28.31 -14.97 23.80
N ILE A 57 29.42 -14.82 24.55
CA ILE A 57 30.65 -14.20 24.03
C ILE A 57 31.13 -14.93 22.78
N LYS A 58 31.09 -16.26 22.78
CA LYS A 58 31.34 -16.99 21.54
C LYS A 58 30.39 -16.52 20.44
N GLU A 59 29.08 -16.49 20.74
CA GLU A 59 28.09 -16.23 19.71
C GLU A 59 28.31 -14.87 19.04
N LEU A 60 28.65 -13.86 19.84
CA LEU A 60 28.95 -12.54 19.31
C LEU A 60 30.23 -12.53 18.49
N ARG A 61 31.25 -13.25 18.96
CA ARG A 61 32.54 -13.19 18.28
C ARG A 61 32.41 -13.61 16.82
N THR A 62 31.60 -14.66 16.56
CA THR A 62 31.35 -15.12 15.20
C THR A 62 30.71 -14.03 14.36
N ALA A 63 29.94 -13.15 15.01
CA ALA A 63 29.25 -12.06 14.34
C ALA A 63 30.21 -10.95 13.90
N GLU A 64 31.07 -10.50 14.81
CA GLU A 64 32.15 -9.60 14.42
C GLU A 64 32.92 -10.17 13.24
N THR A 65 33.43 -11.39 13.36
CA THR A 65 33.97 -12.14 12.23
C THR A 65 33.17 -11.99 10.95
N LYS A 66 31.89 -12.33 10.99
CA LYS A 66 31.05 -12.11 9.83
C LYS A 66 31.14 -10.67 9.34
N ARG A 67 31.11 -9.72 10.29
CA ARG A 67 31.09 -8.31 9.94
C ARG A 67 32.36 -7.91 9.20
N PHE A 68 33.51 -8.13 9.84
CA PHE A 68 34.78 -7.72 9.26
C PHE A 68 35.03 -8.42 7.93
N THR A 69 34.76 -9.72 7.85
CA THR A 69 34.95 -10.43 6.59
C THR A 69 34.02 -9.91 5.50
N ASP A 70 32.72 -9.77 5.79
CA ASP A 70 31.80 -9.19 4.81
C ASP A 70 32.25 -7.81 4.40
N TYR A 71 32.80 -7.04 5.34
CA TYR A 71 33.23 -5.68 5.02
C TYR A 71 34.45 -5.69 4.11
N ALA A 72 35.41 -6.57 4.41
CA ALA A 72 36.56 -6.74 3.52
C ALA A 72 36.12 -7.16 2.14
N MET A 73 35.34 -8.23 2.04
CA MET A 73 35.08 -8.85 0.75
C MET A 73 34.05 -8.09 -0.08
N LEU A 74 33.08 -7.42 0.54
CA LEU A 74 31.96 -6.80 -0.18
C LEU A 74 31.78 -5.32 0.10
N GLY A 75 32.63 -4.72 0.93
CA GLY A 75 32.63 -3.29 1.13
C GLY A 75 31.74 -2.85 2.26
N PRO A 76 31.32 -1.59 2.23
CA PRO A 76 30.23 -1.14 3.10
C PRO A 76 28.87 -1.47 2.50
N SER A 77 27.83 -1.15 3.25
CA SER A 77 26.49 -1.71 3.05
C SER A 77 25.44 -0.61 3.04
N ASP A 78 24.73 -0.46 1.92
CA ASP A 78 23.64 0.50 1.92
C ASP A 78 22.39 -0.14 2.53
N LYS A 79 21.37 0.70 2.74
CA LYS A 79 20.13 0.19 3.29
C LYS A 79 19.20 -0.40 2.22
N TYR A 80 19.30 0.05 0.97
CA TYR A 80 18.36 -0.46 -0.03
C TYR A 80 18.67 -1.90 -0.45
N ASN A 81 19.89 -2.39 -0.19
CA ASN A 81 20.38 -3.68 -0.70
C ASN A 81 21.28 -4.30 0.38
N LEU A 82 20.64 -4.97 1.32
CA LEU A 82 21.29 -5.62 2.45
C LEU A 82 21.57 -7.09 2.20
N LEU A 83 21.41 -7.55 0.96
CA LEU A 83 21.71 -8.92 0.62
C LEU A 83 23.21 -9.13 0.47
N ARG A 84 23.78 -10.06 1.29
CA ARG A 84 25.10 -10.64 1.13
C ARG A 84 24.99 -11.87 0.23
N PRO A 85 25.76 -11.95 -0.86
CA PRO A 85 25.55 -13.04 -1.83
C PRO A 85 26.15 -14.38 -1.40
N MET A 86 25.53 -15.44 -1.87
CA MET A 86 25.91 -16.79 -1.47
C MET A 86 25.75 -17.72 -2.65
N GLN A 87 26.80 -18.51 -2.90
CA GLN A 87 26.70 -19.65 -3.79
C GLN A 87 26.73 -20.91 -2.94
N GLY A 88 25.91 -21.88 -3.31
CA GLY A 88 25.91 -23.19 -2.68
C GLY A 88 24.85 -23.32 -1.60
N VAL A 89 23.70 -22.72 -1.84
CA VAL A 89 22.59 -22.74 -0.90
C VAL A 89 21.46 -23.50 -1.58
N ASP A 90 21.28 -24.77 -1.22
CA ASP A 90 20.12 -25.50 -1.74
C ASP A 90 18.86 -24.68 -1.45
N GLU A 91 17.88 -24.77 -2.35
CA GLU A 91 16.77 -23.85 -2.22
C GLU A 91 16.06 -24.02 -0.88
N ALA A 92 16.08 -25.23 -0.31
CA ALA A 92 15.55 -25.43 1.03
C ALA A 92 16.10 -24.44 2.06
N MET A 93 17.22 -23.76 1.78
CA MET A 93 17.84 -22.91 2.78
C MET A 93 17.76 -21.42 2.44
N ILE A 94 16.90 -21.03 1.50
CA ILE A 94 16.78 -19.63 1.10
C ILE A 94 15.35 -19.16 1.30
N ALA A 95 15.20 -18.02 1.99
CA ALA A 95 13.88 -17.46 2.31
C ALA A 95 13.07 -17.24 1.05
N PRO A 96 11.81 -17.65 1.00
CA PRO A 96 11.09 -17.59 -0.29
C PRO A 96 10.51 -16.20 -0.58
N ASN A 97 11.38 -15.26 -0.96
CA ASN A 97 11.00 -13.85 -1.05
C ASN A 97 11.17 -13.31 -2.47
N LEU A 98 10.03 -12.93 -3.06
CA LEU A 98 9.84 -11.99 -4.17
C LEU A 98 9.08 -10.78 -3.59
N VAL A 99 9.83 -9.86 -2.97
CA VAL A 99 9.30 -8.86 -2.02
C VAL A 99 8.70 -7.65 -2.72
N SER A 100 8.18 -6.71 -1.92
CA SER A 100 7.78 -5.37 -2.37
C SER A 100 8.39 -4.35 -1.41
N LEU A 101 9.26 -3.50 -1.94
CA LEU A 101 9.97 -2.53 -1.10
C LEU A 101 10.17 -1.21 -1.86
N ARG A 115 3.02 6.29 16.18
CA ARG A 115 3.33 5.08 15.40
C ARG A 115 2.90 3.75 16.07
N SER A 116 2.69 2.73 15.24
CA SER A 116 2.51 1.36 15.70
C SER A 116 3.79 0.58 15.42
N VAL A 117 4.07 -0.42 16.28
CA VAL A 117 5.29 -1.24 16.22
C VAL A 117 4.95 -2.67 16.60
N VAL A 118 5.41 -3.67 15.80
CA VAL A 118 5.42 -5.06 16.24
C VAL A 118 6.85 -5.50 16.53
N CYS A 119 6.97 -6.52 17.38
CA CYS A 119 8.21 -6.78 18.10
C CYS A 119 8.21 -8.23 18.55
N ASN A 120 9.29 -8.94 18.31
CA ASN A 120 9.31 -10.38 18.49
C ASN A 120 10.37 -10.81 19.49
N VAL A 121 10.05 -11.86 20.26
CA VAL A 121 11.03 -12.63 20.99
C VAL A 121 10.93 -14.04 20.41
N VAL A 122 11.86 -14.37 19.51
CA VAL A 122 11.94 -15.69 18.87
C VAL A 122 12.78 -16.59 19.75
N MET A 123 12.16 -17.69 20.23
CA MET A 123 12.87 -18.74 20.94
C MET A 123 13.20 -19.89 20.01
N ARG A 124 14.38 -20.46 20.20
CA ARG A 124 14.82 -21.65 19.50
C ARG A 124 14.83 -22.82 20.49
N SER A 125 14.45 -24.00 20.03
CA SER A 125 14.40 -25.16 20.92
C SER A 125 15.78 -25.45 21.48
N GLU A 126 15.84 -26.02 22.70
CA GLU A 126 17.17 -26.30 23.26
C GLU A 126 17.91 -27.33 22.41
N ALA A 127 17.17 -28.33 21.91
CA ALA A 127 17.59 -29.19 20.81
C ALA A 127 18.41 -28.47 19.73
N GLU A 128 17.87 -27.37 19.20
CA GLU A 128 18.50 -26.64 18.12
C GLU A 128 19.61 -25.69 18.60
N GLY A 129 19.71 -25.45 19.90
CA GLY A 129 20.80 -24.60 20.40
C GLY A 129 20.50 -23.81 21.65
N GLY A 130 19.30 -23.26 21.76
CA GLY A 130 18.92 -22.41 22.89
C GLY A 130 18.77 -20.96 22.45
N GLY A 131 18.52 -20.12 23.45
CA GLY A 131 18.39 -18.67 23.50
C GLY A 131 17.35 -18.06 22.56
N ILE A 132 17.52 -16.76 22.34
CA ILE A 132 16.57 -15.95 21.58
C ILE A 132 17.29 -15.09 20.56
N LEU A 133 16.73 -15.00 19.38
CA LEU A 133 17.30 -14.20 18.30
C LEU A 133 17.41 -12.72 18.67
N LEU A 134 18.61 -12.17 18.55
CA LEU A 134 18.83 -10.73 18.45
C LEU A 134 19.57 -10.43 17.17
N ILE A 135 19.33 -9.25 16.58
CA ILE A 135 19.94 -8.92 15.30
C ILE A 135 20.50 -7.50 15.28
N SER A 136 21.33 -7.26 14.28
CA SER A 136 22.02 -6.01 14.04
C SER A 136 21.15 -5.05 13.24
N SER A 137 21.31 -3.75 13.52
CA SER A 137 20.66 -2.78 12.65
C SER A 137 21.27 -2.86 11.27
N SER A 138 20.56 -2.31 10.29
CA SER A 138 21.11 -2.37 8.94
C SER A 138 22.31 -1.45 8.74
N LYS A 139 22.68 -0.64 9.75
CA LYS A 139 23.89 0.19 9.73
C LYS A 139 25.03 -0.62 10.34
N LEU A 140 25.62 -1.49 9.51
CA LEU A 140 26.49 -2.54 10.05
C LEU A 140 27.83 -2.03 10.55
N ASP A 141 28.24 -0.80 10.19
CA ASP A 141 29.34 -0.19 10.91
C ASP A 141 28.91 0.28 12.29
N LYS A 142 27.65 0.12 12.65
CA LYS A 142 27.18 0.38 14.00
C LYS A 142 27.10 -0.94 14.75
N GLN A 143 27.61 -0.96 15.99
CA GLN A 143 27.60 -2.18 16.79
C GLN A 143 26.35 -2.22 17.67
N ASP A 144 25.21 -2.48 17.03
CA ASP A 144 23.90 -2.39 17.67
C ASP A 144 23.12 -3.68 17.47
N PHE A 145 22.79 -4.34 18.58
CA PHE A 145 21.99 -5.56 18.59
C PHE A 145 20.63 -5.28 19.23
N ILE A 146 19.57 -5.74 18.58
CA ILE A 146 18.20 -5.40 18.94
C ILE A 146 17.32 -6.64 18.75
N LEU A 147 16.04 -6.54 19.16
CA LEU A 147 15.03 -7.54 18.84
C LEU A 147 14.54 -7.31 17.41
N PRO A 148 14.10 -8.34 16.69
CA PRO A 148 13.43 -8.10 15.41
C PRO A 148 12.14 -7.30 15.60
N LYS A 149 12.11 -6.10 15.04
CA LYS A 149 10.99 -5.20 15.24
C LYS A 149 10.66 -4.51 13.92
N GLY A 150 9.35 -4.39 13.65
CA GLY A 150 8.87 -3.82 12.42
C GLY A 150 7.65 -2.95 12.66
N GLY A 151 7.17 -2.36 11.58
CA GLY A 151 5.91 -1.65 11.58
C GLY A 151 4.87 -2.40 10.77
N LEU A 152 3.71 -1.78 10.62
CA LEU A 152 2.60 -2.46 9.99
C LEU A 152 2.20 -1.79 8.67
N GLU A 153 1.80 -2.63 7.72
CA GLU A 153 1.24 -2.15 6.48
C GLU A 153 -0.26 -1.91 6.65
N LYS A 154 -0.77 -0.93 5.88
CA LYS A 154 -2.18 -0.54 5.97
C LYS A 154 -3.08 -1.77 5.89
N GLY A 155 -3.78 -2.05 6.97
CA GLY A 155 -4.69 -3.18 7.03
C GLY A 155 -4.10 -4.48 7.51
N GLU A 156 -2.83 -4.52 7.89
CA GLU A 156 -2.14 -5.77 8.16
C GLU A 156 -2.38 -6.17 9.61
N ILE A 157 -2.89 -7.38 9.81
CA ILE A 157 -3.00 -7.91 11.17
C ILE A 157 -1.61 -7.89 11.80
N ALA A 158 -1.54 -7.49 13.08
CA ALA A 158 -0.24 -7.29 13.71
C ALA A 158 0.57 -8.55 13.83
N TYR A 159 -0.02 -9.72 13.70
CA TYR A 159 0.73 -10.96 13.71
C TYR A 159 1.29 -11.29 12.33
N GLY A 160 0.47 -11.17 11.29
CA GLY A 160 0.99 -11.28 9.94
C GLY A 160 2.15 -10.34 9.66
N ALA A 161 2.18 -9.18 10.32
CA ALA A 161 3.30 -8.24 10.21
C ALA A 161 4.52 -8.74 10.95
N ALA A 162 4.34 -9.16 12.22
CA ALA A 162 5.47 -9.60 13.01
C ALA A 162 6.16 -10.80 12.38
N LYS A 163 5.37 -11.68 11.73
CA LYS A 163 5.93 -12.82 11.01
C LYS A 163 6.70 -12.36 9.79
N ARG A 164 6.09 -11.46 9.02
CA ARG A 164 6.73 -10.95 7.83
C ARG A 164 8.06 -10.26 8.15
N GLU A 165 8.15 -9.54 9.27
CA GLU A 165 9.36 -8.77 9.50
C GLU A 165 10.55 -9.68 9.82
N VAL A 166 10.33 -10.75 10.57
CA VAL A 166 11.47 -11.53 11.01
C VAL A 166 11.98 -12.40 9.87
N LEU A 167 11.09 -12.84 8.96
CA LEU A 167 11.56 -13.57 7.79
C LEU A 167 12.40 -12.68 6.88
N GLU A 168 12.26 -11.35 6.99
CA GLU A 168 13.05 -10.43 6.18
C GLU A 168 14.25 -9.87 6.95
N GLU A 169 14.04 -9.11 8.02
CA GLU A 169 15.19 -8.57 8.74
C GLU A 169 16.06 -9.69 9.33
N GLY A 170 15.47 -10.79 9.78
CA GLY A 170 16.25 -11.79 10.50
C GLY A 170 16.21 -13.16 9.85
N GLY A 171 15.47 -13.30 8.76
CA GLY A 171 15.43 -14.56 8.04
C GLY A 171 15.21 -15.82 8.85
N VAL A 172 14.02 -15.97 9.44
CA VAL A 172 13.65 -17.12 10.25
C VAL A 172 12.15 -17.29 10.10
N LYS A 173 11.70 -18.48 9.76
CA LYS A 173 10.27 -18.77 9.80
C LYS A 173 9.85 -19.02 11.24
N VAL A 174 8.86 -18.26 11.73
CA VAL A 174 8.41 -18.33 13.11
C VAL A 174 6.92 -18.60 13.14
N LYS A 175 6.45 -19.05 14.30
CA LYS A 175 5.05 -19.34 14.55
C LYS A 175 4.72 -18.94 15.99
N LYS A 176 3.59 -18.23 16.16
CA LYS A 176 3.16 -17.62 17.42
C LYS A 176 3.00 -18.60 18.58
N LEU A 177 3.69 -18.34 19.71
CA LEU A 177 3.40 -19.05 20.97
C LEU A 177 2.38 -18.34 21.83
N LYS A 178 2.68 -17.11 22.23
CA LYS A 178 1.87 -16.32 23.14
C LYS A 178 1.87 -14.90 22.62
N GLU A 179 0.69 -14.31 22.48
CA GLU A 179 0.55 -12.90 22.17
C GLU A 179 0.81 -12.10 23.43
N LEU A 180 1.77 -11.19 23.41
CA LEU A 180 2.05 -10.49 24.66
C LEU A 180 1.25 -9.22 24.79
N GLY A 181 0.62 -8.75 23.72
CA GLY A 181 -0.34 -7.69 23.81
C GLY A 181 0.26 -6.31 23.68
N VAL A 182 -0.61 -5.30 23.77
CA VAL A 182 -0.20 -3.96 23.40
C VAL A 182 0.30 -3.23 24.64
N THR A 183 1.37 -2.48 24.45
CA THR A 183 1.90 -1.58 25.47
C THR A 183 2.41 -0.31 24.81
N LEU A 184 2.78 0.65 25.66
CA LEU A 184 2.95 2.04 25.28
C LEU A 184 4.34 2.52 25.61
N VAL A 185 5.14 2.88 24.60
CA VAL A 185 6.39 3.61 24.82
C VAL A 185 6.31 4.92 24.06
N GLY A 186 6.55 6.02 24.79
CA GLY A 186 6.32 7.36 24.31
C GLY A 186 5.02 7.51 23.54
N ASP A 187 5.12 8.14 22.37
CA ASP A 187 4.02 8.34 21.44
C ASP A 187 3.55 7.06 20.74
N LYS A 188 4.20 5.92 20.96
CA LYS A 188 4.06 4.74 20.13
C LYS A 188 3.40 3.59 20.88
N THR A 189 2.55 2.83 20.18
CA THR A 189 1.99 1.59 20.69
C THR A 189 2.74 0.39 20.10
N TYR A 190 3.22 -0.50 20.99
CA TYR A 190 4.01 -1.68 20.65
C TYR A 190 3.18 -2.94 20.91
N GLU A 191 3.10 -3.83 19.93
CA GLU A 191 2.48 -5.14 20.11
C GLU A 191 3.54 -6.23 20.00
N SER A 192 3.69 -7.01 21.06
CA SER A 192 4.81 -7.91 21.20
C SER A 192 4.31 -9.35 21.14
N PHE A 193 5.16 -10.23 20.62
CA PHE A 193 4.89 -11.66 20.53
C PHE A 193 6.03 -12.45 21.10
N LEU A 194 5.69 -13.67 21.52
CA LEU A 194 6.64 -14.70 21.94
C LEU A 194 6.51 -15.83 20.94
N MET A 195 7.62 -16.19 20.30
CA MET A 195 7.49 -16.99 19.09
C MET A 195 8.45 -18.15 19.09
N ARG A 196 8.16 -19.09 18.20
CA ARG A 196 8.91 -20.32 18.05
C ARG A 196 9.50 -20.27 16.65
N SER A 197 10.82 -20.38 16.54
CA SER A 197 11.38 -20.54 15.21
C SER A 197 11.08 -21.94 14.68
N LYS A 198 10.63 -22.00 13.43
CA LYS A 198 10.39 -23.26 12.74
C LYS A 198 11.60 -23.64 11.89
N LYS A 199 11.92 -22.81 10.91
CA LYS A 199 13.03 -23.04 10.00
C LYS A 199 13.93 -21.82 10.03
N VAL A 200 15.24 -22.02 10.03
CA VAL A 200 16.19 -20.92 9.95
C VAL A 200 16.90 -21.00 8.61
N TYR A 201 16.75 -19.95 7.81
CA TYR A 201 17.21 -19.94 6.43
C TYR A 201 18.66 -19.46 6.37
N GLU A 202 19.45 -20.09 5.48
CA GLU A 202 20.85 -19.70 5.30
C GLU A 202 20.95 -18.38 4.57
N GLN A 203 19.99 -18.09 3.72
CA GLN A 203 20.00 -16.93 2.84
C GLN A 203 18.64 -16.24 2.92
N TRP A 204 18.66 -14.97 3.34
CA TRP A 204 17.45 -14.19 3.44
C TRP A 204 17.73 -12.80 2.89
N SER A 205 16.69 -11.99 2.79
CA SER A 205 16.75 -10.77 1.99
C SER A 205 17.60 -9.66 2.62
N GLU A 206 17.90 -9.73 3.91
CA GLU A 206 18.86 -8.79 4.50
C GLU A 206 20.00 -9.57 5.14
N SER A 207 20.70 -10.34 4.29
CA SER A 207 21.72 -11.28 4.74
C SER A 207 22.89 -10.58 5.43
N ARG A 208 23.26 -9.39 4.98
CA ARG A 208 24.41 -8.74 5.59
C ARG A 208 24.27 -8.64 7.11
N ARG A 209 23.04 -8.52 7.63
CA ARG A 209 22.91 -8.32 9.07
C ARG A 209 23.38 -9.54 9.85
N LEU A 210 23.70 -9.32 11.12
CA LEU A 210 24.26 -10.41 11.95
C LEU A 210 23.20 -10.94 12.91
N ARG A 211 23.01 -12.25 12.89
CA ARG A 211 22.03 -12.97 13.72
C ARG A 211 22.77 -13.65 14.84
N VAL A 212 22.35 -13.43 16.06
CA VAL A 212 22.98 -14.02 17.26
C VAL A 212 21.85 -14.61 18.10
N TRP A 213 22.02 -15.77 18.70
CA TRP A 213 20.98 -16.34 19.59
C TRP A 213 21.54 -16.38 20.99
N LEU A 214 21.11 -15.51 21.87
CA LEU A 214 21.73 -15.47 23.21
C LEU A 214 20.77 -15.97 24.26
N PRO A 215 21.25 -16.45 25.41
CA PRO A 215 20.39 -16.83 26.49
C PRO A 215 19.61 -15.66 27.10
N TRP A 216 18.47 -15.95 27.71
CA TRP A 216 17.59 -14.96 28.34
C TRP A 216 18.34 -13.94 29.18
N ASP A 217 19.33 -14.33 29.97
CA ASP A 217 19.96 -13.34 30.84
C ASP A 217 20.99 -12.50 30.11
N ASP A 218 21.50 -12.98 28.99
CA ASP A 218 22.49 -12.22 28.25
C ASP A 218 21.85 -11.22 27.32
N ALA A 219 20.81 -11.63 26.60
CA ALA A 219 20.02 -10.70 25.81
C ALA A 219 19.60 -9.51 26.67
N ILE A 220 19.10 -9.76 27.86
CA ILE A 220 18.71 -8.64 28.72
C ILE A 220 19.89 -7.71 28.93
N LEU A 221 21.07 -8.29 29.18
CA LEU A 221 22.26 -7.51 29.49
C LEU A 221 22.65 -6.62 28.33
N LEU A 222 22.70 -7.21 27.14
CA LEU A 222 23.18 -6.55 25.94
C LEU A 222 22.21 -5.48 25.46
N LEU A 223 20.91 -5.68 25.66
CA LEU A 223 19.91 -4.67 25.26
C LEU A 223 19.90 -3.50 26.22
N LYS A 224 20.00 -3.77 27.53
CA LYS A 224 20.19 -2.69 28.50
C LYS A 224 21.50 -1.94 28.25
N ALA A 225 22.52 -2.63 27.73
CA ALA A 225 23.80 -2.02 27.44
C ALA A 225 23.71 -0.91 26.38
N ASN A 226 22.66 -0.88 25.58
CA ASN A 226 22.55 0.15 24.55
C ASN A 226 21.25 0.91 24.70
N LYS A 227 20.72 0.94 25.92
CA LYS A 227 19.63 1.84 26.26
C LYS A 227 18.38 1.51 25.43
N HIS A 228 18.16 0.22 25.19
CA HIS A 228 16.97 -0.25 24.51
C HIS A 228 15.92 -0.70 25.54
N ASP A 229 15.48 0.25 26.35
CA ASP A 229 14.73 -0.08 27.56
C ASP A 229 13.34 -0.67 27.28
N GLU A 230 12.73 -0.33 26.15
CA GLU A 230 11.48 -0.99 25.82
C GLU A 230 11.73 -2.48 25.63
N MET A 231 12.76 -2.84 24.85
CA MET A 231 13.04 -4.25 24.53
C MET A 231 13.43 -5.07 25.75
N VAL A 232 14.03 -4.45 26.80
CA VAL A 232 14.30 -5.19 28.03
C VAL A 232 13.00 -5.56 28.73
N GLU A 233 12.00 -4.69 28.66
CA GLU A 233 10.75 -5.02 29.31
C GLU A 233 10.02 -6.11 28.54
N ILE A 234 9.95 -6.00 27.20
CA ILE A 234 9.40 -7.09 26.39
C ILE A 234 10.12 -8.41 26.67
N VAL A 235 11.45 -8.40 26.77
CA VAL A 235 12.17 -9.64 27.00
C VAL A 235 11.82 -10.20 28.38
N LYS A 236 11.83 -9.35 29.40
CA LYS A 236 11.36 -9.77 30.71
C LYS A 236 9.93 -10.31 30.61
N GLN A 237 9.06 -9.58 29.90
CA GLN A 237 7.68 -9.96 29.60
C GLN A 237 7.56 -11.35 29.03
N ALA A 238 8.08 -11.52 27.80
CA ALA A 238 8.04 -12.79 27.10
C ALA A 238 8.80 -13.86 27.81
N ARG A 239 9.70 -13.49 28.69
CA ARG A 239 10.49 -14.52 29.35
C ARG A 239 9.62 -15.27 30.33
N ALA A 240 8.93 -14.54 31.20
CA ALA A 240 8.02 -15.15 32.15
C ALA A 240 6.83 -15.82 31.47
N ALA A 241 6.47 -15.39 30.26
CA ALA A 241 5.40 -16.10 29.58
C ALA A 241 5.85 -17.48 29.15
N ALA A 242 7.05 -17.59 28.58
CA ALA A 242 7.58 -18.90 28.25
C ALA A 242 7.66 -19.76 29.50
N ALA A 243 8.24 -19.24 30.58
CA ALA A 243 8.31 -20.01 31.80
C ALA A 243 6.94 -20.52 32.21
N ALA A 244 5.93 -19.66 32.09
CA ALA A 244 4.55 -20.06 32.45
C ALA A 244 4.08 -21.32 31.71
N LYS A 245 4.47 -21.49 30.42
CA LYS A 245 3.92 -22.53 29.56
C LYS A 245 2.35 -22.47 29.73
N GLY B 4 -17.14 -6.67 -1.51
CA GLY B 4 -17.96 -7.58 -2.28
C GLY B 4 -18.12 -7.16 -3.73
N VAL B 5 -18.78 -8.01 -4.54
CA VAL B 5 -18.97 -7.71 -5.96
C VAL B 5 -19.86 -6.49 -6.12
N LYS B 6 -19.71 -5.80 -7.27
CA LYS B 6 -20.50 -4.60 -7.54
C LYS B 6 -21.81 -5.03 -8.19
N LEU B 7 -22.88 -5.04 -7.38
CA LEU B 7 -24.23 -5.42 -7.80
C LEU B 7 -25.01 -4.25 -8.34
N GLU B 8 -24.33 -3.15 -8.71
CA GLU B 8 -25.01 -1.94 -9.13
C GLU B 8 -25.75 -2.14 -10.44
N ASN B 9 -25.05 -2.64 -11.47
CA ASN B 9 -25.72 -2.84 -12.75
C ASN B 9 -26.84 -3.87 -12.65
N ILE B 10 -26.68 -4.92 -11.84
CA ILE B 10 -27.75 -5.92 -11.71
C ILE B 10 -29.01 -5.32 -11.09
N LEU B 11 -28.88 -4.22 -10.35
CA LEU B 11 -30.02 -3.66 -9.61
C LEU B 11 -30.86 -2.72 -10.46
N THR B 12 -30.24 -1.66 -11.00
CA THR B 12 -30.97 -0.77 -11.91
C THR B 12 -31.63 -1.54 -13.05
N ILE B 13 -31.00 -2.62 -13.53
CA ILE B 13 -31.68 -3.57 -14.42
C ILE B 13 -32.92 -4.14 -13.73
N PHE B 14 -32.79 -4.54 -12.46
CA PHE B 14 -33.89 -5.19 -11.77
C PHE B 14 -35.13 -4.29 -11.77
N VAL B 15 -34.98 -3.03 -11.37
CA VAL B 15 -36.12 -2.11 -11.39
C VAL B 15 -36.57 -1.84 -12.82
N GLN B 16 -35.64 -1.85 -13.78
CA GLN B 16 -36.00 -1.66 -15.18
C GLN B 16 -37.08 -2.67 -15.59
N ARG B 17 -36.81 -3.96 -15.41
CA ARG B 17 -37.85 -4.95 -15.61
C ARG B 17 -38.97 -4.82 -14.57
N ALA B 18 -38.66 -4.31 -13.39
CA ALA B 18 -39.63 -4.32 -12.30
C ALA B 18 -40.82 -3.40 -12.59
N LYS B 19 -40.55 -2.09 -12.66
CA LYS B 19 -41.62 -1.12 -12.93
C LYS B 19 -42.33 -1.44 -14.24
N ALA B 20 -41.55 -1.73 -15.28
CA ALA B 20 -42.12 -2.04 -16.59
C ALA B 20 -43.02 -3.28 -16.53
N LYS B 21 -42.47 -4.44 -16.20
CA LYS B 21 -43.14 -5.72 -16.40
C LYS B 21 -44.13 -6.09 -15.30
N LEU B 22 -44.37 -5.20 -14.33
CA LEU B 22 -45.35 -5.39 -13.28
C LEU B 22 -46.36 -4.25 -13.30
N PRO B 23 -47.49 -4.41 -12.62
CA PRO B 23 -48.51 -3.34 -12.61
C PRO B 23 -47.98 -2.06 -11.98
N GLN B 24 -48.74 -0.98 -12.22
CA GLN B 24 -48.35 0.33 -11.73
C GLN B 24 -48.29 0.34 -10.21
N GLY B 25 -49.21 -0.38 -9.57
CA GLY B 25 -49.25 -0.51 -8.13
C GLY B 25 -48.30 -1.57 -7.58
N PHE B 26 -47.05 -1.17 -7.36
CA PHE B 26 -46.00 -2.07 -6.90
C PHE B 26 -46.19 -2.24 -5.38
N THR B 27 -46.90 -3.31 -5.02
CA THR B 27 -46.98 -3.74 -3.63
C THR B 27 -45.84 -4.70 -3.33
N ALA B 28 -45.26 -4.56 -2.13
CA ALA B 28 -44.08 -5.35 -1.80
C ALA B 28 -44.36 -6.83 -1.96
N ALA B 29 -45.56 -7.26 -1.57
CA ALA B 29 -46.00 -8.65 -1.73
C ALA B 29 -45.84 -9.15 -3.17
N ALA B 30 -46.49 -8.44 -4.11
CA ALA B 30 -46.58 -8.91 -5.51
C ALA B 30 -45.22 -8.90 -6.21
N LEU B 31 -44.40 -7.90 -5.93
CA LEU B 31 -43.01 -7.97 -6.36
C LEU B 31 -42.42 -9.33 -6.06
N GLY B 32 -42.57 -9.78 -4.80
CA GLY B 32 -42.06 -11.08 -4.40
C GLY B 32 -42.68 -12.22 -5.19
N ASN B 33 -43.96 -12.09 -5.54
CA ASN B 33 -44.62 -13.11 -6.38
C ASN B 33 -43.91 -13.26 -7.72
N TRP B 34 -43.63 -12.15 -8.40
CA TRP B 34 -43.10 -12.14 -9.77
C TRP B 34 -42.04 -13.22 -9.98
N LYS B 35 -42.16 -13.96 -11.10
CA LYS B 35 -41.23 -15.04 -11.42
C LYS B 35 -39.82 -14.53 -11.74
N GLY B 36 -39.69 -13.27 -12.17
CA GLY B 36 -38.38 -12.68 -12.36
C GLY B 36 -37.73 -12.14 -11.10
N PHE B 37 -38.47 -12.10 -9.98
CA PHE B 37 -37.89 -11.69 -8.70
C PHE B 37 -36.94 -12.76 -8.15
N SER B 38 -37.42 -14.00 -8.11
CA SER B 38 -36.64 -15.12 -7.59
C SER B 38 -35.31 -15.27 -8.29
N ARG B 39 -35.34 -15.44 -9.62
CA ARG B 39 -34.16 -15.78 -10.41
C ARG B 39 -33.07 -14.71 -10.33
N ARG B 40 -33.41 -13.48 -9.95
CA ARG B 40 -32.38 -12.47 -9.74
C ARG B 40 -31.76 -12.57 -8.34
N VAL B 41 -32.47 -13.20 -7.40
CA VAL B 41 -31.87 -13.51 -6.10
C VAL B 41 -30.84 -14.61 -6.27
N ASP B 42 -31.16 -15.63 -7.07
CA ASP B 42 -30.30 -16.80 -7.25
C ASP B 42 -28.98 -16.46 -7.91
N THR B 43 -28.91 -15.40 -8.69
CA THR B 43 -27.67 -15.07 -9.37
C THR B 43 -26.75 -14.21 -8.51
N VAL B 44 -27.30 -13.39 -7.61
CA VAL B 44 -26.40 -12.78 -6.62
C VAL B 44 -25.99 -13.81 -5.58
N MET B 45 -26.88 -14.76 -5.26
CA MET B 45 -26.55 -15.80 -4.28
C MET B 45 -25.38 -16.66 -4.75
N GLU B 46 -25.24 -16.85 -6.06
CA GLU B 46 -24.11 -17.61 -6.60
C GLU B 46 -22.77 -16.95 -6.30
N HIS B 47 -22.77 -15.63 -6.04
CA HIS B 47 -21.53 -14.90 -5.75
C HIS B 47 -20.90 -15.28 -4.41
N TYR B 48 -21.70 -15.66 -3.41
CA TYR B 48 -21.17 -15.96 -2.09
C TYR B 48 -20.19 -17.14 -2.15
N PRO B 49 -19.25 -17.20 -1.20
CA PRO B 49 -18.34 -18.36 -1.12
C PRO B 49 -19.06 -19.69 -0.91
N LYS B 50 -18.49 -20.74 -1.47
CA LYS B 50 -19.06 -22.07 -1.28
C LYS B 50 -18.55 -22.64 0.03
N GLY B 51 -19.27 -23.62 0.54
CA GLY B 51 -19.01 -24.10 1.87
C GLY B 51 -19.77 -23.38 2.95
N LEU B 52 -20.82 -22.65 2.58
CA LEU B 52 -21.70 -22.03 3.56
C LEU B 52 -22.80 -23.02 3.91
N SER B 53 -22.95 -23.30 5.20
CA SER B 53 -23.95 -24.24 5.69
C SER B 53 -25.35 -23.84 5.27
N GLU B 54 -26.27 -24.80 5.34
CA GLU B 54 -27.62 -24.53 4.83
C GLU B 54 -28.35 -23.48 5.64
N LYS B 55 -27.95 -23.26 6.88
CA LYS B 55 -28.53 -22.21 7.70
C LYS B 55 -28.12 -20.85 7.14
N ALA B 56 -26.81 -20.66 6.92
CA ALA B 56 -26.31 -19.38 6.44
C ALA B 56 -26.78 -19.09 5.02
N ILE B 57 -27.21 -20.11 4.29
CA ILE B 57 -27.84 -19.87 3.01
C ILE B 57 -29.21 -19.22 3.23
N LYS B 58 -30.10 -19.91 3.96
CA LYS B 58 -31.41 -19.32 4.26
C LYS B 58 -31.23 -17.92 4.82
N GLU B 59 -30.25 -17.75 5.71
CA GLU B 59 -30.00 -16.47 6.35
C GLU B 59 -29.48 -15.43 5.38
N LEU B 60 -28.74 -15.83 4.36
CA LEU B 60 -28.29 -14.86 3.38
C LEU B 60 -29.33 -14.60 2.31
N ARG B 61 -30.07 -15.63 1.88
CA ARG B 61 -31.07 -15.40 0.85
C ARG B 61 -32.19 -14.50 1.35
N THR B 62 -32.52 -14.53 2.63
CA THR B 62 -33.57 -13.65 3.10
C THR B 62 -33.07 -12.22 3.26
N ALA B 63 -31.77 -12.03 3.37
CA ALA B 63 -31.24 -10.68 3.38
C ALA B 63 -31.18 -10.10 1.97
N GLU B 64 -30.85 -10.93 0.99
CA GLU B 64 -30.80 -10.45 -0.38
C GLU B 64 -32.17 -10.11 -0.93
N THR B 65 -33.24 -10.74 -0.42
CA THR B 65 -34.57 -10.30 -0.85
C THR B 65 -34.97 -8.99 -0.19
N LYS B 66 -34.43 -8.68 0.99
CA LYS B 66 -34.53 -7.31 1.52
C LYS B 66 -33.80 -6.35 0.60
N ARG B 67 -32.55 -6.68 0.26
CA ARG B 67 -31.76 -5.79 -0.57
C ARG B 67 -32.47 -5.42 -1.86
N PHE B 68 -33.24 -6.37 -2.42
CA PHE B 68 -34.00 -6.10 -3.64
C PHE B 68 -35.33 -5.42 -3.33
N THR B 69 -36.19 -6.06 -2.54
CA THR B 69 -37.43 -5.41 -2.11
C THR B 69 -37.22 -3.95 -1.74
N ASP B 70 -36.26 -3.69 -0.84
CA ASP B 70 -36.02 -2.32 -0.42
C ASP B 70 -35.61 -1.46 -1.60
N TYR B 71 -34.80 -2.00 -2.53
CA TYR B 71 -34.35 -1.21 -3.67
C TYR B 71 -35.52 -0.81 -4.53
N ALA B 72 -36.31 -1.78 -4.97
CA ALA B 72 -37.50 -1.47 -5.74
C ALA B 72 -38.47 -0.53 -5.00
N MET B 73 -39.14 -0.99 -3.97
CA MET B 73 -40.13 -0.16 -3.27
C MET B 73 -39.60 1.21 -2.92
N LEU B 74 -38.29 1.35 -2.71
CA LEU B 74 -37.76 2.60 -2.18
C LEU B 74 -36.61 3.19 -2.96
N GLY B 75 -36.19 2.58 -4.06
CA GLY B 75 -35.10 3.15 -4.80
C GLY B 75 -33.77 2.80 -4.19
N PRO B 76 -32.70 3.50 -4.61
CA PRO B 76 -31.40 3.32 -3.95
C PRO B 76 -31.34 3.91 -2.55
N SER B 77 -30.19 3.75 -1.93
CA SER B 77 -29.94 4.15 -0.57
C SER B 77 -28.74 5.08 -0.56
N ASP B 78 -28.88 6.22 0.10
CA ASP B 78 -27.75 7.10 0.30
C ASP B 78 -27.30 7.06 1.76
N LYS B 79 -26.02 7.36 1.96
CA LYS B 79 -25.41 7.33 3.27
C LYS B 79 -25.78 8.57 4.09
N TYR B 80 -26.58 9.48 3.53
CA TYR B 80 -27.24 10.51 4.33
C TYR B 80 -28.20 9.88 5.31
N ASN B 81 -28.97 8.88 4.85
CA ASN B 81 -30.23 8.45 5.45
C ASN B 81 -30.39 6.96 5.16
N LEU B 82 -29.92 6.14 6.09
CA LEU B 82 -30.09 4.70 6.03
C LEU B 82 -31.35 4.22 6.76
N LEU B 83 -32.10 5.13 7.40
CA LEU B 83 -33.39 4.80 7.98
C LEU B 83 -34.30 4.22 6.92
N ARG B 84 -34.95 3.11 7.23
CA ARG B 84 -36.01 2.71 6.31
C ARG B 84 -37.33 2.83 7.06
N PRO B 85 -38.16 3.79 6.68
CA PRO B 85 -39.27 4.22 7.54
C PRO B 85 -40.43 3.24 7.58
N MET B 86 -41.07 3.18 8.76
CA MET B 86 -41.97 2.10 9.11
C MET B 86 -42.96 2.65 10.12
N GLN B 87 -44.22 2.21 10.05
CA GLN B 87 -45.25 2.82 10.88
C GLN B 87 -45.86 1.88 11.92
N GLY B 88 -46.51 0.80 11.50
CA GLY B 88 -47.26 0.02 12.46
C GLY B 88 -46.43 -0.69 13.51
N VAL B 89 -45.34 -0.07 13.95
CA VAL B 89 -44.29 -0.76 14.69
C VAL B 89 -44.57 -0.59 16.18
N ASP B 90 -44.75 -1.71 16.88
CA ASP B 90 -44.92 -1.70 18.32
C ASP B 90 -43.78 -0.92 18.96
N GLU B 91 -44.15 0.05 19.80
CA GLU B 91 -43.21 1.11 20.18
C GLU B 91 -42.03 0.60 21.00
N ALA B 92 -42.08 -0.61 21.54
CA ALA B 92 -40.92 -1.18 22.20
C ALA B 92 -40.11 -2.10 21.29
N MET B 93 -40.38 -2.08 19.99
CA MET B 93 -39.53 -2.71 19.00
C MET B 93 -38.80 -1.66 18.17
N ILE B 94 -38.63 -0.45 18.72
CA ILE B 94 -37.99 0.67 18.05
C ILE B 94 -36.82 1.12 18.92
N ALA B 95 -35.65 1.18 18.33
CA ALA B 95 -34.46 1.46 19.12
C ALA B 95 -34.62 2.78 19.89
N PRO B 96 -34.32 2.82 21.19
CA PRO B 96 -34.40 4.10 21.90
C PRO B 96 -33.47 5.18 21.38
N ASN B 97 -32.49 4.89 20.52
CA ASN B 97 -31.70 5.99 19.94
C ASN B 97 -32.53 6.87 19.02
N LEU B 98 -33.58 6.30 18.42
CA LEU B 98 -34.52 7.06 17.63
C LEU B 98 -35.40 7.93 18.53
N VAL B 99 -36.10 7.29 19.47
CA VAL B 99 -37.25 7.89 20.14
C VAL B 99 -36.89 9.23 20.79
N SER B 100 -35.73 9.31 21.44
CA SER B 100 -35.29 10.58 22.05
C SER B 100 -34.35 11.34 21.13
N ARG B 115 -5.75 6.27 14.94
CA ARG B 115 -7.20 6.38 15.10
C ARG B 115 -7.80 5.14 15.73
N SER B 116 -8.64 5.33 16.73
CA SER B 116 -9.18 4.25 17.54
C SER B 116 -10.47 3.68 16.95
N VAL B 117 -10.64 2.36 17.06
CA VAL B 117 -11.80 1.63 16.54
C VAL B 117 -12.25 0.62 17.60
N VAL B 118 -13.57 0.40 17.69
CA VAL B 118 -14.14 -0.69 18.48
C VAL B 118 -14.88 -1.64 17.55
N CYS B 119 -15.10 -2.86 18.03
CA CYS B 119 -15.51 -3.92 17.13
C CYS B 119 -16.18 -5.03 17.94
N ASN B 120 -17.27 -5.60 17.43
CA ASN B 120 -18.19 -6.38 18.26
C ASN B 120 -18.56 -7.71 17.62
N VAL B 121 -18.28 -8.78 18.35
CA VAL B 121 -18.83 -10.10 18.07
C VAL B 121 -20.09 -10.22 18.93
N VAL B 122 -21.25 -10.11 18.29
CA VAL B 122 -22.53 -10.16 18.99
C VAL B 122 -23.13 -11.55 18.85
N MET B 123 -23.33 -12.19 19.99
CA MET B 123 -23.75 -13.58 20.10
C MET B 123 -25.23 -13.61 20.45
N ARG B 124 -26.04 -14.23 19.61
CA ARG B 124 -27.44 -14.38 19.96
C ARG B 124 -27.67 -15.71 20.67
N SER B 125 -28.54 -15.71 21.68
CA SER B 125 -28.81 -16.95 22.38
C SER B 125 -29.28 -18.01 21.40
N GLU B 126 -28.96 -19.27 21.70
CA GLU B 126 -29.41 -20.37 20.85
C GLU B 126 -30.92 -20.53 20.87
N ALA B 127 -31.59 -20.06 21.92
CA ALA B 127 -33.04 -20.16 21.95
C ALA B 127 -33.66 -19.23 20.94
N GLU B 128 -32.95 -18.17 20.56
CA GLU B 128 -33.41 -17.16 19.62
C GLU B 128 -33.00 -17.46 18.18
N GLY B 129 -32.22 -18.50 17.92
CA GLY B 129 -31.69 -18.77 16.59
C GLY B 129 -30.19 -18.79 16.50
N GLY B 130 -29.48 -18.47 17.58
CA GLY B 130 -28.03 -18.55 17.56
C GLY B 130 -27.39 -17.54 16.63
N GLY B 131 -26.22 -17.90 16.14
CA GLY B 131 -25.47 -17.08 15.22
C GLY B 131 -24.81 -15.85 15.80
N ILE B 132 -23.80 -15.32 15.13
CA ILE B 132 -23.27 -14.03 15.49
C ILE B 132 -23.71 -12.98 14.47
N LEU B 133 -23.68 -11.73 14.90
CA LEU B 133 -24.23 -10.66 14.10
C LEU B 133 -23.18 -10.10 13.17
N LEU B 134 -23.53 -10.09 11.88
CA LEU B 134 -22.83 -9.38 10.80
C LEU B 134 -23.78 -8.40 10.12
N ILE B 135 -23.43 -7.11 10.10
CA ILE B 135 -24.20 -6.14 9.33
C ILE B 135 -23.56 -5.91 7.96
N SER B 136 -24.38 -5.48 7.01
CA SER B 136 -23.92 -5.13 5.67
C SER B 136 -23.24 -3.77 5.70
N SER B 137 -22.42 -3.53 4.66
CA SER B 137 -21.84 -2.21 4.45
C SER B 137 -22.96 -1.17 4.36
N SER B 138 -22.61 0.11 4.54
CA SER B 138 -23.61 1.17 4.33
C SER B 138 -23.85 1.44 2.85
N LYS B 139 -23.07 0.84 1.97
CA LYS B 139 -23.32 0.88 0.54
C LYS B 139 -24.07 -0.41 0.18
N LEU B 140 -25.35 -0.27 -0.17
CA LEU B 140 -26.23 -1.40 -0.35
C LEU B 140 -26.34 -1.88 -1.79
N ASP B 141 -25.52 -1.33 -2.68
CA ASP B 141 -25.33 -1.83 -4.03
C ASP B 141 -24.14 -2.78 -4.14
N LYS B 142 -23.28 -2.80 -3.10
CA LYS B 142 -22.19 -3.74 -2.88
C LYS B 142 -22.65 -4.90 -2.01
N GLN B 143 -22.01 -6.06 -2.20
CA GLN B 143 -22.41 -7.27 -1.49
C GLN B 143 -21.36 -7.59 -0.41
N ASP B 144 -21.25 -6.70 0.57
CA ASP B 144 -20.25 -6.83 1.62
C ASP B 144 -20.95 -7.01 2.95
N PHE B 145 -20.42 -7.91 3.79
CA PHE B 145 -20.86 -8.06 5.17
C PHE B 145 -19.67 -7.92 6.09
N ILE B 146 -19.89 -7.28 7.25
CA ILE B 146 -18.83 -6.93 8.20
C ILE B 146 -19.36 -7.10 9.61
N LEU B 147 -18.44 -6.98 10.57
CA LEU B 147 -18.68 -6.89 11.99
C LEU B 147 -19.06 -5.46 12.34
N PRO B 148 -20.06 -5.25 13.22
CA PRO B 148 -20.32 -3.88 13.67
C PRO B 148 -19.08 -3.20 14.21
N LYS B 149 -18.62 -2.16 13.55
CA LYS B 149 -17.47 -1.41 14.04
C LYS B 149 -17.72 0.10 13.99
N GLY B 150 -16.85 0.83 14.67
CA GLY B 150 -16.87 2.28 14.59
C GLY B 150 -15.87 2.86 15.55
N GLY B 151 -15.75 4.18 15.53
CA GLY B 151 -14.82 4.88 16.38
C GLY B 151 -15.44 5.28 17.71
N LEU B 152 -14.70 6.09 18.47
CA LEU B 152 -15.11 6.58 19.78
C LEU B 152 -15.34 8.08 19.73
N GLU B 153 -16.45 8.52 20.32
CA GLU B 153 -16.64 9.96 20.48
C GLU B 153 -15.67 10.49 21.54
N LYS B 154 -15.37 11.78 21.46
CA LYS B 154 -14.31 12.30 22.31
C LYS B 154 -14.61 12.02 23.78
N GLY B 155 -13.60 11.54 24.50
CA GLY B 155 -13.75 11.27 25.91
C GLY B 155 -14.65 10.11 26.25
N GLU B 156 -15.19 9.42 25.24
CA GLU B 156 -16.04 8.24 25.42
C GLU B 156 -15.21 7.00 25.76
N ILE B 157 -15.70 6.17 26.66
CA ILE B 157 -14.98 4.93 26.90
C ILE B 157 -15.40 3.87 25.88
N ALA B 158 -14.53 2.87 25.69
CA ALA B 158 -14.73 2.00 24.54
C ALA B 158 -15.96 1.14 24.72
N TYR B 159 -16.31 0.78 25.96
CA TYR B 159 -17.47 -0.08 26.13
C TYR B 159 -18.75 0.67 25.76
N GLY B 160 -18.78 1.98 25.96
CA GLY B 160 -19.93 2.77 25.58
C GLY B 160 -19.98 3.00 24.09
N ALA B 161 -18.84 3.22 23.46
CA ALA B 161 -18.82 3.40 22.00
C ALA B 161 -19.33 2.17 21.28
N ALA B 162 -19.08 1.00 21.86
CA ALA B 162 -19.46 -0.24 21.22
C ALA B 162 -20.94 -0.52 21.40
N LYS B 163 -21.46 -0.35 22.61
CA LYS B 163 -22.89 -0.52 22.83
C LYS B 163 -23.66 0.43 21.93
N ARG B 164 -23.14 1.65 21.79
CA ARG B 164 -23.76 2.71 20.99
C ARG B 164 -23.74 2.39 19.50
N GLU B 165 -22.59 1.97 18.98
CA GLU B 165 -22.49 1.80 17.54
C GLU B 165 -23.31 0.63 17.07
N VAL B 166 -23.41 -0.42 17.86
CA VAL B 166 -24.20 -1.55 17.42
C VAL B 166 -25.69 -1.25 17.55
N LEU B 167 -26.10 -0.38 18.49
CA LEU B 167 -27.50 0.07 18.52
C LEU B 167 -27.85 0.92 17.29
N GLU B 168 -27.00 1.88 16.93
CA GLU B 168 -27.28 2.71 15.76
C GLU B 168 -27.15 1.94 14.47
N GLU B 169 -26.03 1.25 14.27
CA GLU B 169 -25.81 0.60 12.99
C GLU B 169 -26.44 -0.77 12.89
N GLY B 170 -26.55 -1.51 14.00
CA GLY B 170 -27.02 -2.88 13.92
C GLY B 170 -28.36 -3.12 14.54
N GLY B 171 -28.84 -2.13 15.29
CA GLY B 171 -30.18 -2.17 15.86
C GLY B 171 -30.37 -3.21 16.93
N VAL B 172 -29.38 -3.39 17.81
CA VAL B 172 -29.41 -4.43 18.83
C VAL B 172 -28.89 -3.80 20.11
N LYS B 173 -29.64 -3.97 21.19
CA LYS B 173 -29.16 -3.69 22.53
C LYS B 173 -28.22 -4.81 22.92
N VAL B 174 -27.05 -4.50 23.46
CA VAL B 174 -26.09 -5.53 23.80
C VAL B 174 -25.59 -5.32 25.21
N LYS B 175 -24.68 -6.20 25.61
CA LYS B 175 -24.15 -6.25 26.97
C LYS B 175 -22.91 -7.13 26.95
N LYS B 176 -21.83 -6.60 27.54
CA LYS B 176 -20.49 -7.21 27.46
C LYS B 176 -20.48 -8.62 28.02
N LEU B 177 -19.67 -9.50 27.40
CA LEU B 177 -19.33 -10.79 28.01
C LEU B 177 -17.84 -10.93 28.33
N LYS B 178 -16.97 -10.13 27.71
CA LYS B 178 -15.53 -10.30 27.81
C LYS B 178 -14.91 -9.16 27.04
N GLU B 179 -13.89 -8.50 27.59
CA GLU B 179 -13.07 -7.55 26.83
C GLU B 179 -11.99 -8.35 26.13
N LEU B 180 -11.98 -8.34 24.79
CA LEU B 180 -10.98 -9.11 24.06
C LEU B 180 -9.64 -8.39 23.92
N GLY B 181 -9.60 -7.07 24.18
CA GLY B 181 -8.35 -6.36 24.34
C GLY B 181 -7.98 -5.54 23.11
N VAL B 182 -6.98 -4.76 23.27
CA VAL B 182 -6.53 -3.88 22.21
C VAL B 182 -5.53 -4.61 21.33
N THR B 183 -5.55 -4.31 20.03
CA THR B 183 -4.72 -4.99 19.05
C THR B 183 -4.51 -4.09 17.85
N LEU B 184 -3.27 -4.00 17.37
CA LEU B 184 -2.93 -3.09 16.30
C LEU B 184 -3.23 -3.73 14.95
N VAL B 185 -3.69 -2.90 14.01
CA VAL B 185 -3.91 -3.32 12.62
C VAL B 185 -3.74 -2.13 11.69
N GLY B 186 -2.73 -2.19 10.83
CA GLY B 186 -2.18 -0.97 10.29
C GLY B 186 -2.00 0.10 11.37
N ASP B 187 -2.21 1.35 10.97
CA ASP B 187 -2.08 2.50 11.86
C ASP B 187 -3.21 2.61 12.90
N LYS B 188 -4.32 1.88 12.71
CA LYS B 188 -5.41 1.84 13.66
C LYS B 188 -5.08 0.92 14.84
N THR B 189 -5.72 1.19 15.98
CA THR B 189 -5.65 0.32 17.14
C THR B 189 -7.06 -0.05 17.54
N TYR B 190 -7.43 -1.33 17.40
CA TYR B 190 -8.78 -1.86 17.68
C TYR B 190 -8.96 -2.27 19.13
N GLU B 191 -10.16 -2.06 19.68
CA GLU B 191 -10.57 -2.70 20.94
C GLU B 191 -11.85 -3.48 20.69
N SER B 192 -11.90 -4.73 21.14
CA SER B 192 -12.97 -5.62 20.73
C SER B 192 -13.68 -6.20 21.95
N PHE B 193 -14.89 -6.70 21.70
CA PHE B 193 -15.81 -7.11 22.75
C PHE B 193 -16.60 -8.31 22.28
N LEU B 194 -16.70 -9.33 23.11
CA LEU B 194 -17.68 -10.38 22.92
C LEU B 194 -18.93 -9.98 23.70
N MET B 195 -20.07 -10.01 23.03
CA MET B 195 -21.27 -9.39 23.57
C MET B 195 -22.49 -10.29 23.42
N ARG B 196 -23.43 -10.14 24.33
CA ARG B 196 -24.65 -10.93 24.33
C ARG B 196 -25.76 -10.04 23.79
N SER B 197 -26.61 -10.59 22.94
CA SER B 197 -27.73 -9.83 22.40
C SER B 197 -28.88 -9.80 23.41
N LYS B 198 -29.16 -8.61 23.96
CA LYS B 198 -30.26 -8.48 24.90
C LYS B 198 -31.59 -8.11 24.25
N LYS B 199 -31.60 -7.33 23.18
CA LYS B 199 -32.85 -7.12 22.45
C LYS B 199 -32.53 -6.74 21.02
N VAL B 200 -33.30 -7.28 20.08
CA VAL B 200 -33.16 -6.99 18.66
C VAL B 200 -34.37 -6.22 18.22
N TYR B 201 -34.18 -4.96 17.85
CA TYR B 201 -35.25 -4.07 17.44
C TYR B 201 -35.59 -4.24 15.97
N GLU B 202 -36.85 -3.94 15.62
CA GLU B 202 -37.29 -3.97 14.23
C GLU B 202 -37.04 -2.66 13.51
N GLN B 203 -36.78 -1.59 14.27
CA GLN B 203 -36.58 -0.25 13.74
C GLN B 203 -35.36 0.35 14.40
N TRP B 204 -34.43 0.81 13.58
CA TRP B 204 -33.23 1.40 14.13
C TRP B 204 -32.73 2.46 13.16
N SER B 205 -31.84 3.32 13.68
CA SER B 205 -31.32 4.43 12.91
C SER B 205 -31.00 4.05 11.48
N GLU B 206 -30.45 2.87 11.26
CA GLU B 206 -29.98 2.58 9.92
C GLU B 206 -30.70 1.26 9.63
N SER B 207 -32.02 1.31 9.45
CA SER B 207 -32.85 0.17 9.04
C SER B 207 -32.70 -0.30 7.61
N ARG B 208 -31.88 0.34 6.77
CA ARG B 208 -31.70 -0.18 5.42
C ARG B 208 -30.61 -1.23 5.33
N ARG B 209 -29.69 -1.27 6.30
CA ARG B 209 -28.62 -2.25 6.38
C ARG B 209 -29.18 -3.65 6.52
N LEU B 210 -28.53 -4.64 5.94
CA LEU B 210 -29.05 -6.02 6.09
C LEU B 210 -28.45 -6.64 7.34
N ARG B 211 -29.21 -7.42 8.09
CA ARG B 211 -28.73 -8.05 9.34
C ARG B 211 -28.70 -9.57 9.16
N VAL B 212 -27.56 -10.19 9.42
CA VAL B 212 -27.47 -11.65 9.19
C VAL B 212 -26.85 -12.27 10.44
N TRP B 213 -27.43 -13.35 10.97
CA TRP B 213 -26.91 -14.02 12.17
C TRP B 213 -26.36 -15.36 11.75
N LEU B 214 -25.05 -15.47 11.65
CA LEU B 214 -24.39 -16.64 11.05
C LEU B 214 -23.59 -17.39 12.08
N PRO B 215 -23.45 -18.72 11.93
CA PRO B 215 -22.65 -19.50 12.83
C PRO B 215 -21.17 -19.19 12.66
N TRP B 216 -20.39 -19.32 13.73
CA TRP B 216 -18.95 -19.03 13.80
C TRP B 216 -18.20 -19.45 12.55
N ASP B 217 -18.52 -20.58 11.93
CA ASP B 217 -17.76 -21.06 10.79
C ASP B 217 -18.17 -20.36 9.51
N ASP B 218 -19.42 -19.92 9.44
CA ASP B 218 -19.88 -19.20 8.27
C ASP B 218 -19.48 -17.73 8.36
N ALA B 219 -19.59 -17.16 9.55
CA ALA B 219 -19.14 -15.79 9.73
C ALA B 219 -17.67 -15.62 9.37
N ILE B 220 -16.87 -16.65 9.63
CA ILE B 220 -15.43 -16.58 9.32
C ILE B 220 -15.20 -16.76 7.83
N LEU B 221 -15.93 -17.70 7.23
CA LEU B 221 -15.87 -17.94 5.79
C LEU B 221 -16.23 -16.68 5.01
N LEU B 222 -17.23 -15.92 5.48
CA LEU B 222 -17.70 -14.72 4.80
C LEU B 222 -16.77 -13.53 5.01
N LEU B 223 -16.29 -13.31 6.23
CA LEU B 223 -15.32 -12.24 6.45
C LEU B 223 -14.05 -12.52 5.68
N LYS B 224 -13.62 -13.79 5.61
CA LYS B 224 -12.45 -14.16 4.82
C LYS B 224 -12.61 -14.04 3.31
N ALA B 225 -13.80 -14.37 2.80
CA ALA B 225 -14.21 -14.11 1.42
C ALA B 225 -14.12 -12.64 1.03
N ASN B 226 -14.01 -11.71 1.96
CA ASN B 226 -13.86 -10.31 1.61
C ASN B 226 -12.57 -9.72 2.13
N LYS B 227 -11.56 -10.56 2.43
CA LYS B 227 -10.23 -10.08 2.85
C LYS B 227 -10.31 -9.14 4.07
N HIS B 228 -11.38 -9.30 4.87
CA HIS B 228 -11.47 -8.65 6.18
C HIS B 228 -10.72 -9.51 7.20
N ASP B 229 -9.41 -9.40 7.14
CA ASP B 229 -8.56 -10.30 7.91
C ASP B 229 -8.44 -9.86 9.36
N GLU B 230 -8.44 -8.56 9.63
CA GLU B 230 -8.51 -8.07 11.01
C GLU B 230 -9.79 -8.53 11.68
N MET B 231 -10.86 -8.73 10.92
CA MET B 231 -12.10 -9.16 11.51
C MET B 231 -12.19 -10.65 11.67
N VAL B 232 -11.53 -11.41 10.79
CA VAL B 232 -11.53 -12.86 10.97
C VAL B 232 -10.72 -13.25 12.20
N GLU B 233 -9.68 -12.48 12.50
CA GLU B 233 -8.88 -12.78 13.66
C GLU B 233 -9.68 -12.59 14.94
N ILE B 234 -10.51 -11.54 14.96
CA ILE B 234 -11.34 -11.20 16.13
C ILE B 234 -12.46 -12.21 16.32
N VAL B 235 -13.06 -12.72 15.24
CA VAL B 235 -14.10 -13.71 15.45
C VAL B 235 -13.49 -14.97 16.03
N LYS B 236 -12.31 -15.35 15.53
CA LYS B 236 -11.59 -16.48 16.08
C LYS B 236 -11.32 -16.26 17.58
N GLN B 237 -10.68 -15.14 17.91
CA GLN B 237 -10.45 -14.70 19.28
C GLN B 237 -11.70 -14.88 20.12
N ALA B 238 -12.79 -14.26 19.68
CA ALA B 238 -14.04 -14.34 20.41
C ALA B 238 -14.48 -15.79 20.57
N ARG B 239 -14.39 -16.58 19.50
CA ARG B 239 -14.77 -17.99 19.59
C ARG B 239 -14.14 -18.64 20.82
N ALA B 240 -12.83 -18.38 21.01
CA ALA B 240 -12.08 -18.88 22.16
C ALA B 240 -12.68 -18.38 23.46
N ALA B 241 -12.71 -17.08 23.66
CA ALA B 241 -13.27 -16.53 24.87
C ALA B 241 -14.64 -17.09 25.16
N ALA B 242 -15.48 -17.21 24.14
CA ALA B 242 -16.85 -17.68 24.35
C ALA B 242 -16.86 -19.13 24.78
N ALA B 243 -16.07 -19.98 24.12
CA ALA B 243 -15.95 -21.39 24.51
C ALA B 243 -15.39 -21.53 25.91
N ALA B 244 -14.28 -20.83 26.21
CA ALA B 244 -13.75 -20.73 27.57
C ALA B 244 -14.83 -20.62 28.63
N LYS B 245 -15.80 -19.71 28.45
CA LYS B 245 -16.94 -19.57 29.37
C LYS B 245 -16.51 -19.32 30.82
N GLY C 4 -44.66 33.39 -2.42
CA GLY C 4 -43.21 33.47 -2.42
C GLY C 4 -42.61 33.77 -3.80
N VAL C 5 -42.43 32.73 -4.61
CA VAL C 5 -42.00 32.86 -6.01
C VAL C 5 -43.20 32.55 -6.89
N LYS C 6 -43.33 33.29 -7.99
CA LYS C 6 -44.39 33.07 -8.97
C LYS C 6 -43.88 32.14 -10.09
N LEU C 7 -44.55 30.99 -10.25
CA LEU C 7 -44.19 29.99 -11.25
C LEU C 7 -45.22 29.86 -12.36
N GLU C 8 -46.15 30.82 -12.50
CA GLU C 8 -47.18 30.67 -13.53
C GLU C 8 -46.56 30.48 -14.90
N ASN C 9 -45.58 31.31 -15.24
CA ASN C 9 -44.86 31.16 -16.51
C ASN C 9 -44.26 29.78 -16.66
N ILE C 10 -43.29 29.45 -15.79
CA ILE C 10 -42.55 28.20 -15.95
C ILE C 10 -43.47 27.00 -16.10
N LEU C 11 -44.66 27.06 -15.48
CA LEU C 11 -45.56 25.92 -15.53
C LEU C 11 -46.28 25.83 -16.87
N THR C 12 -46.75 26.96 -17.38
CA THR C 12 -47.49 26.95 -18.64
C THR C 12 -46.58 26.62 -19.81
N ILE C 13 -45.38 27.19 -19.81
CA ILE C 13 -44.38 26.77 -20.78
C ILE C 13 -44.21 25.25 -20.71
N PHE C 14 -44.01 24.73 -19.49
CA PHE C 14 -43.85 23.29 -19.31
C PHE C 14 -44.97 22.50 -19.97
N VAL C 15 -46.23 22.83 -19.66
CA VAL C 15 -47.34 22.00 -20.17
C VAL C 15 -47.36 22.02 -21.70
N GLN C 16 -47.36 23.22 -22.31
CA GLN C 16 -47.42 23.28 -23.76
C GLN C 16 -46.25 22.53 -24.36
N ARG C 17 -45.03 22.89 -23.96
CA ARG C 17 -43.86 22.21 -24.47
C ARG C 17 -43.91 20.70 -24.19
N ALA C 18 -44.78 20.24 -23.31
CA ALA C 18 -44.86 18.82 -23.02
C ALA C 18 -46.00 18.11 -23.73
N LYS C 19 -47.14 18.78 -23.95
CA LYS C 19 -48.17 18.16 -24.78
C LYS C 19 -47.69 18.04 -26.22
N ALA C 20 -46.81 18.97 -26.62
CA ALA C 20 -46.36 19.05 -27.99
C ALA C 20 -45.38 17.95 -28.34
N LYS C 21 -44.75 17.35 -27.34
CA LYS C 21 -43.71 16.42 -27.67
C LYS C 21 -44.01 15.04 -27.06
N LEU C 22 -45.29 14.74 -26.81
CA LEU C 22 -45.69 13.52 -26.12
C LEU C 22 -47.05 13.03 -26.62
N PRO C 23 -47.31 11.72 -26.53
CA PRO C 23 -48.63 11.17 -26.92
C PRO C 23 -49.85 11.83 -26.33
N GLN C 24 -50.98 11.79 -27.07
CA GLN C 24 -52.19 12.44 -26.57
C GLN C 24 -52.52 12.18 -25.09
N GLY C 25 -52.69 10.90 -24.72
CA GLY C 25 -53.02 10.56 -23.35
C GLY C 25 -51.78 10.09 -22.62
N PHE C 26 -50.78 10.96 -22.56
CA PHE C 26 -49.58 10.70 -21.79
C PHE C 26 -49.87 10.49 -20.31
N THR C 27 -49.35 9.36 -19.80
CA THR C 27 -49.52 8.88 -18.43
C THR C 27 -48.53 9.56 -17.51
N ALA C 28 -48.89 9.62 -16.23
CA ALA C 28 -47.97 10.08 -15.20
C ALA C 28 -46.59 9.48 -15.39
N ALA C 29 -46.54 8.15 -15.59
CA ALA C 29 -45.28 7.47 -15.87
C ALA C 29 -44.56 8.09 -17.06
N ALA C 30 -45.28 8.25 -18.18
CA ALA C 30 -44.69 8.74 -19.42
C ALA C 30 -44.11 10.13 -19.23
N LEU C 31 -44.88 11.03 -18.62
CA LEU C 31 -44.41 12.37 -18.32
C LEU C 31 -43.14 12.34 -17.46
N GLY C 32 -43.12 11.47 -16.45
CA GLY C 32 -41.95 11.39 -15.59
C GLY C 32 -40.69 11.06 -16.34
N ASN C 33 -40.83 10.34 -17.46
CA ASN C 33 -39.67 9.82 -18.16
C ASN C 33 -39.07 10.83 -19.13
N TRP C 34 -39.85 11.85 -19.52
CA TRP C 34 -39.36 12.88 -20.44
C TRP C 34 -38.10 13.55 -19.91
N LYS C 35 -37.06 13.64 -20.75
CA LYS C 35 -35.83 14.31 -20.33
C LYS C 35 -36.06 15.80 -20.11
N GLY C 36 -37.00 16.41 -20.83
CA GLY C 36 -37.34 17.79 -20.56
C GLY C 36 -38.09 18.04 -19.26
N PHE C 37 -38.31 16.99 -18.48
CA PHE C 37 -38.98 17.10 -17.18
C PHE C 37 -37.98 17.45 -16.07
N SER C 38 -37.08 16.51 -15.75
CA SER C 38 -36.07 16.81 -14.75
C SER C 38 -35.41 18.15 -15.04
N ARG C 39 -35.27 18.50 -16.33
CA ARG C 39 -34.82 19.81 -16.80
C ARG C 39 -35.42 20.94 -15.97
N ARG C 40 -36.73 20.83 -15.72
CA ARG C 40 -37.48 21.92 -15.12
C ARG C 40 -37.63 21.79 -13.61
N VAL C 41 -37.48 20.60 -13.04
CA VAL C 41 -37.54 20.52 -11.60
C VAL C 41 -36.27 21.10 -11.02
N ASP C 42 -35.18 21.12 -11.77
CA ASP C 42 -33.90 21.64 -11.26
C ASP C 42 -33.89 23.16 -11.23
N THR C 43 -34.42 23.80 -12.24
CA THR C 43 -34.38 25.25 -12.23
C THR C 43 -35.21 25.83 -11.09
N VAL C 44 -36.34 25.18 -10.73
CA VAL C 44 -37.10 25.71 -9.62
C VAL C 44 -36.46 25.39 -8.29
N MET C 45 -35.62 24.36 -8.24
CA MET C 45 -34.93 24.05 -7.00
C MET C 45 -34.02 25.18 -6.58
N GLU C 46 -33.41 25.88 -7.53
CA GLU C 46 -32.48 26.95 -7.18
C GLU C 46 -33.19 28.11 -6.53
N HIS C 47 -34.49 28.28 -6.79
CA HIS C 47 -35.28 29.24 -6.05
C HIS C 47 -35.21 29.02 -4.56
N TYR C 48 -34.90 27.84 -4.13
CA TYR C 48 -34.95 27.62 -2.71
C TYR C 48 -33.69 28.17 -2.06
N PRO C 49 -33.83 28.66 -0.83
CA PRO C 49 -32.72 29.33 -0.17
C PRO C 49 -31.62 28.34 0.13
N LYS C 50 -30.39 28.85 0.13
CA LYS C 50 -29.17 28.06 0.27
C LYS C 50 -28.95 27.60 1.72
N GLY C 51 -28.24 26.48 1.87
CA GLY C 51 -27.92 25.85 3.14
C GLY C 51 -28.98 24.94 3.70
N LEU C 52 -29.86 24.48 2.82
CA LEU C 52 -30.83 23.48 3.20
C LEU C 52 -30.12 22.14 3.29
N SER C 53 -30.55 21.30 4.22
CA SER C 53 -29.91 19.99 4.31
C SER C 53 -30.30 19.13 3.13
N GLU C 54 -29.48 18.09 2.86
CA GLU C 54 -29.83 17.16 1.79
C GLU C 54 -31.07 16.36 2.12
N LYS C 55 -31.28 16.03 3.40
CA LYS C 55 -32.54 15.49 3.85
C LYS C 55 -33.69 16.37 3.38
N ALA C 56 -33.58 17.68 3.60
CA ALA C 56 -34.65 18.60 3.22
C ALA C 56 -34.75 18.74 1.72
N ILE C 57 -33.61 18.82 1.03
CA ILE C 57 -33.60 19.03 -0.41
C ILE C 57 -34.37 17.93 -1.10
N LYS C 58 -34.22 16.69 -0.60
CA LYS C 58 -34.94 15.56 -1.15
C LYS C 58 -36.44 15.80 -1.09
N GLU C 59 -36.95 16.13 0.11
CA GLU C 59 -38.39 16.29 0.30
C GLU C 59 -38.93 17.33 -0.65
N LEU C 60 -38.22 18.44 -0.79
CA LEU C 60 -38.68 19.51 -1.65
C LEU C 60 -38.60 19.13 -3.11
N ARG C 61 -37.75 18.19 -3.46
CA ARG C 61 -37.69 17.76 -4.84
C ARG C 61 -38.89 16.90 -5.20
N THR C 62 -39.15 15.85 -4.41
CA THR C 62 -40.42 15.13 -4.43
C THR C 62 -41.61 16.07 -4.57
N ALA C 63 -41.69 17.03 -3.65
CA ALA C 63 -42.78 18.00 -3.67
C ALA C 63 -42.86 18.72 -5.00
N GLU C 64 -41.71 19.09 -5.55
CA GLU C 64 -41.75 19.81 -6.81
C GLU C 64 -42.19 18.90 -7.93
N THR C 65 -41.69 17.66 -7.96
CA THR C 65 -42.11 16.77 -9.04
C THR C 65 -43.58 16.41 -8.95
N LYS C 66 -44.21 16.59 -7.78
CA LYS C 66 -45.67 16.49 -7.67
C LYS C 66 -46.35 17.74 -8.22
N ARG C 67 -45.81 18.91 -7.91
CA ARG C 67 -46.39 20.14 -8.43
C ARG C 67 -46.51 20.07 -9.94
N PHE C 68 -45.44 19.67 -10.60
CA PHE C 68 -45.45 19.66 -12.05
C PHE C 68 -46.33 18.55 -12.59
N THR C 69 -46.17 17.33 -12.06
CA THR C 69 -47.02 16.25 -12.53
C THR C 69 -48.48 16.65 -12.42
N ASP C 70 -48.91 17.02 -11.23
CA ASP C 70 -50.31 17.30 -11.00
C ASP C 70 -50.80 18.40 -11.93
N TYR C 71 -49.90 19.25 -12.41
CA TYR C 71 -50.29 20.39 -13.22
C TYR C 71 -50.56 19.94 -14.66
N ALA C 72 -49.60 19.21 -15.23
CA ALA C 72 -49.73 18.67 -16.59
C ALA C 72 -50.90 17.72 -16.72
N MET C 73 -51.16 16.94 -15.69
CA MET C 73 -52.19 15.90 -15.73
C MET C 73 -53.58 16.41 -15.43
N LEU C 74 -53.68 17.56 -14.75
CA LEU C 74 -54.96 18.01 -14.20
C LEU C 74 -55.17 19.52 -14.29
N GLY C 75 -54.19 20.27 -14.80
CA GLY C 75 -54.36 21.69 -15.02
C GLY C 75 -53.92 22.49 -13.83
N PRO C 76 -54.31 23.76 -13.79
CA PRO C 76 -54.13 24.57 -12.58
C PRO C 76 -54.99 24.03 -11.44
N SER C 77 -54.79 24.62 -10.26
CA SER C 77 -55.59 24.27 -9.10
C SER C 77 -56.83 25.14 -9.03
N ASP C 78 -57.80 24.65 -8.27
CA ASP C 78 -59.05 25.36 -8.03
C ASP C 78 -59.11 25.54 -6.52
N LYS C 79 -59.00 26.79 -6.03
CA LYS C 79 -59.02 27.02 -4.58
C LYS C 79 -60.29 26.48 -3.91
N TYR C 80 -61.29 26.05 -4.68
CA TYR C 80 -62.53 25.52 -4.13
C TYR C 80 -62.63 24.01 -4.24
N ASN C 81 -61.94 23.40 -5.20
CA ASN C 81 -61.79 21.94 -5.34
C ASN C 81 -60.30 21.60 -5.28
N LEU C 82 -59.83 21.22 -4.11
CA LEU C 82 -58.43 20.87 -3.95
C LEU C 82 -58.19 19.36 -3.91
N LEU C 83 -59.22 18.55 -4.02
CA LEU C 83 -58.98 17.11 -4.04
C LEU C 83 -58.39 16.66 -5.36
N ARG C 84 -57.22 16.01 -5.28
CA ARG C 84 -56.57 15.38 -6.40
C ARG C 84 -57.03 13.94 -6.51
N PRO C 85 -57.79 13.57 -7.57
CA PRO C 85 -58.38 12.23 -7.65
C PRO C 85 -57.29 11.19 -7.61
N MET C 86 -57.58 10.07 -6.98
CA MET C 86 -56.58 9.02 -6.79
C MET C 86 -57.28 7.69 -6.94
N GLN C 87 -56.74 6.82 -7.79
CA GLN C 87 -57.51 5.69 -8.31
C GLN C 87 -57.13 4.34 -7.73
N GLY C 88 -56.23 4.27 -6.75
CA GLY C 88 -56.05 2.98 -6.12
C GLY C 88 -55.48 3.04 -4.73
N VAL C 89 -56.32 3.23 -3.73
CA VAL C 89 -55.84 3.58 -2.41
C VAL C 89 -56.65 2.85 -1.33
N ASP C 90 -55.93 2.30 -0.35
CA ASP C 90 -56.53 1.65 0.80
C ASP C 90 -57.69 2.45 1.32
N GLU C 91 -58.83 1.80 1.51
CA GLU C 91 -59.92 2.49 2.17
C GLU C 91 -59.55 2.95 3.58
N ALA C 92 -58.54 2.36 4.20
CA ALA C 92 -58.07 2.90 5.47
C ALA C 92 -56.98 3.97 5.32
N MET C 93 -56.53 4.29 4.11
CA MET C 93 -55.58 5.37 3.89
C MET C 93 -56.25 6.59 3.31
N ILE C 94 -57.56 6.67 3.44
CA ILE C 94 -58.38 7.75 2.89
C ILE C 94 -58.89 8.56 4.08
N ALA C 95 -58.59 9.84 4.12
CA ALA C 95 -59.04 10.63 5.24
C ALA C 95 -60.57 10.77 5.22
N PRO C 96 -61.22 10.85 6.38
CA PRO C 96 -62.68 10.91 6.40
C PRO C 96 -63.28 12.24 5.92
N ASN C 97 -64.49 12.15 5.37
CA ASN C 97 -65.32 13.29 4.96
C ASN C 97 -64.64 14.13 3.88
N LEU C 98 -64.31 13.48 2.76
CA LEU C 98 -63.54 14.17 1.74
C LEU C 98 -64.31 15.31 1.07
N VAL C 99 -65.65 15.23 1.02
CA VAL C 99 -66.47 16.28 0.46
C VAL C 99 -67.59 16.58 1.46
N SER C 100 -67.94 17.85 1.57
CA SER C 100 -68.97 18.25 2.52
C SER C 100 -70.13 18.94 1.81
N GLY C 114 -62.32 36.78 11.58
CA GLY C 114 -60.96 36.51 11.15
C GLY C 114 -59.81 37.16 11.93
N ARG C 115 -59.86 37.08 13.25
CA ARG C 115 -58.76 37.60 14.06
C ARG C 115 -58.02 36.42 14.67
N SER C 116 -58.60 35.80 15.71
CA SER C 116 -58.09 34.58 16.30
C SER C 116 -57.66 33.57 15.23
N VAL C 117 -56.46 32.98 15.42
CA VAL C 117 -55.85 32.03 14.49
C VAL C 117 -55.24 30.88 15.29
N VAL C 118 -55.39 29.63 14.82
CA VAL C 118 -54.72 28.50 15.45
C VAL C 118 -53.63 27.97 14.52
N CYS C 119 -52.54 27.51 15.11
CA CYS C 119 -51.36 27.23 14.33
C CYS C 119 -50.74 25.93 14.82
N ASN C 120 -50.11 25.16 13.91
CA ASN C 120 -49.77 23.77 14.23
C ASN C 120 -48.33 23.43 13.92
N VAL C 121 -47.60 22.99 14.95
CA VAL C 121 -46.30 22.38 14.73
C VAL C 121 -46.45 20.87 14.96
N VAL C 122 -46.63 20.15 13.85
CA VAL C 122 -46.89 18.71 13.84
C VAL C 122 -45.56 18.00 13.71
N MET C 123 -45.30 17.08 14.64
CA MET C 123 -44.04 16.34 14.70
C MET C 123 -44.30 14.90 14.31
N ARG C 124 -43.54 14.41 13.32
CA ARG C 124 -43.56 13.02 12.93
C ARG C 124 -42.54 12.24 13.75
N SER C 125 -42.88 11.01 14.14
CA SER C 125 -41.92 10.16 14.83
C SER C 125 -40.70 9.92 13.96
N GLU C 126 -39.56 9.72 14.59
CA GLU C 126 -38.39 9.38 13.78
C GLU C 126 -38.52 7.99 13.20
N ALA C 127 -39.26 7.11 13.88
CA ALA C 127 -39.52 5.82 13.29
C ALA C 127 -40.16 6.00 11.92
N GLU C 128 -41.10 6.94 11.84
CA GLU C 128 -41.87 7.22 10.63
C GLU C 128 -41.07 8.03 9.61
N GLY C 129 -40.09 8.83 10.06
CA GLY C 129 -39.19 9.54 9.17
C GLY C 129 -38.79 10.90 9.73
N GLY C 130 -39.36 11.24 10.87
CA GLY C 130 -39.05 12.51 11.50
C GLY C 130 -39.54 13.69 10.70
N GLY C 131 -39.12 14.88 11.14
CA GLY C 131 -39.48 16.14 10.53
C GLY C 131 -40.79 16.68 11.05
N ILE C 132 -41.01 17.97 10.82
CA ILE C 132 -42.28 18.62 11.13
C ILE C 132 -42.97 19.00 9.81
N LEU C 133 -44.28 19.10 9.85
CA LEU C 133 -45.08 19.23 8.63
C LEU C 133 -45.18 20.67 8.18
N LEU C 134 -44.87 20.92 6.91
CA LEU C 134 -45.20 22.15 6.23
C LEU C 134 -46.00 21.79 5.00
N ILE C 135 -47.10 22.50 4.76
CA ILE C 135 -47.92 22.30 3.57
C ILE C 135 -47.77 23.48 2.61
N SER C 136 -48.38 23.32 1.46
CA SER C 136 -48.28 24.28 0.38
C SER C 136 -49.49 25.18 0.41
N SER C 137 -49.34 26.41 -0.11
CA SER C 137 -50.49 27.29 -0.30
C SER C 137 -51.56 26.57 -1.10
N SER C 138 -52.73 27.18 -1.27
CA SER C 138 -53.69 26.55 -2.14
C SER C 138 -53.58 27.07 -3.57
N LYS C 139 -52.78 28.12 -3.77
CA LYS C 139 -52.31 28.60 -5.08
C LYS C 139 -51.11 27.75 -5.47
N LEU C 140 -51.37 26.65 -6.17
CA LEU C 140 -50.29 25.71 -6.39
C LEU C 140 -49.23 26.23 -7.32
N ASP C 141 -49.49 27.25 -8.12
CA ASP C 141 -48.42 27.73 -8.96
C ASP C 141 -47.44 28.65 -8.23
N LYS C 142 -47.60 28.80 -6.92
CA LYS C 142 -46.71 29.62 -6.11
C LYS C 142 -45.94 28.72 -5.14
N GLN C 143 -44.62 28.99 -5.01
CA GLN C 143 -43.78 28.37 -3.98
C GLN C 143 -43.95 29.08 -2.65
N ASP C 144 -44.93 28.62 -1.88
CA ASP C 144 -45.09 29.02 -0.50
C ASP C 144 -45.28 27.74 0.27
N PHE C 145 -44.54 27.62 1.38
CA PHE C 145 -44.72 26.56 2.37
C PHE C 145 -45.00 27.25 3.69
N ILE C 146 -46.03 26.80 4.38
CA ILE C 146 -46.44 27.40 5.65
C ILE C 146 -46.80 26.32 6.66
N LEU C 147 -46.90 26.72 7.91
CA LEU C 147 -47.45 25.84 8.91
C LEU C 147 -48.94 25.62 8.61
N PRO C 148 -49.50 24.50 9.07
CA PRO C 148 -50.95 24.34 9.01
C PRO C 148 -51.63 25.28 9.96
N LYS C 149 -52.32 26.29 9.44
CA LYS C 149 -52.98 27.30 10.24
C LYS C 149 -54.40 27.46 9.78
N GLY C 150 -55.16 28.19 10.55
CA GLY C 150 -56.53 28.44 10.20
C GLY C 150 -57.29 29.09 11.31
N GLY C 151 -58.50 29.47 11.00
CA GLY C 151 -59.40 30.11 11.94
C GLY C 151 -60.17 29.08 12.72
N LEU C 152 -61.19 29.57 13.43
CA LEU C 152 -62.00 28.71 14.29
C LEU C 152 -63.48 29.12 14.27
N GLU C 153 -64.32 28.10 14.08
CA GLU C 153 -65.76 28.22 13.98
C GLU C 153 -66.30 28.88 15.25
N LYS C 154 -67.39 29.63 15.11
CA LYS C 154 -67.99 30.25 16.30
C LYS C 154 -68.26 29.19 17.36
N GLY C 155 -67.91 29.53 18.59
CA GLY C 155 -68.06 28.60 19.68
C GLY C 155 -66.97 27.55 19.78
N GLU C 156 -66.25 27.32 18.67
CA GLU C 156 -65.27 26.23 18.60
C GLU C 156 -64.02 26.53 19.43
N ILE C 157 -63.54 25.52 20.19
CA ILE C 157 -62.34 25.71 21.01
C ILE C 157 -61.09 25.51 20.17
N ALA C 158 -60.01 26.15 20.59
CA ALA C 158 -58.76 26.14 19.84
C ALA C 158 -58.29 24.72 19.49
N TYR C 159 -58.29 23.81 20.46
CA TYR C 159 -57.72 22.48 20.23
C TYR C 159 -58.46 21.75 19.12
N GLY C 160 -59.78 21.81 19.14
CA GLY C 160 -60.55 21.10 18.12
C GLY C 160 -60.57 21.83 16.80
N ALA C 161 -60.48 23.15 16.83
CA ALA C 161 -60.30 23.90 15.59
C ALA C 161 -59.01 23.55 14.90
N ALA C 162 -58.03 23.06 15.63
CA ALA C 162 -56.72 22.74 15.10
C ALA C 162 -56.67 21.34 14.58
N LYS C 163 -57.31 20.40 15.28
CA LYS C 163 -57.32 19.00 14.87
C LYS C 163 -58.07 18.84 13.58
N ARG C 164 -59.07 19.67 13.37
CA ARG C 164 -59.93 19.67 12.19
C ARG C 164 -59.23 20.26 10.99
N GLU C 165 -58.47 21.28 11.20
CA GLU C 165 -57.84 21.95 10.09
C GLU C 165 -56.60 21.22 9.59
N VAL C 166 -55.88 20.51 10.45
CA VAL C 166 -54.78 19.66 10.00
C VAL C 166 -55.32 18.48 9.20
N LEU C 167 -56.46 17.96 9.58
CA LEU C 167 -57.06 16.90 8.80
C LEU C 167 -57.45 17.40 7.41
N GLU C 168 -58.19 18.53 7.32
CA GLU C 168 -58.68 19.00 6.02
C GLU C 168 -57.55 19.42 5.10
N GLU C 169 -56.68 20.28 5.57
CA GLU C 169 -55.67 20.83 4.68
C GLU C 169 -54.43 19.96 4.60
N GLY C 170 -54.07 19.29 5.68
CA GLY C 170 -52.82 18.57 5.72
C GLY C 170 -52.94 17.07 5.60
N GLY C 171 -54.10 16.51 5.93
CA GLY C 171 -54.29 15.08 5.78
C GLY C 171 -53.62 14.25 6.82
N VAL C 172 -53.49 14.78 8.05
CA VAL C 172 -52.82 14.13 9.16
C VAL C 172 -53.77 14.16 10.33
N LYS C 173 -53.93 13.02 11.00
CA LYS C 173 -54.62 12.95 12.27
C LYS C 173 -53.61 13.17 13.39
N VAL C 174 -53.91 14.11 14.27
CA VAL C 174 -52.91 14.60 15.21
C VAL C 174 -53.49 14.61 16.61
N LYS C 175 -52.60 14.47 17.61
CA LYS C 175 -52.97 14.55 19.02
C LYS C 175 -52.02 15.56 19.67
N LYS C 176 -52.53 16.29 20.67
CA LYS C 176 -51.77 17.33 21.36
C LYS C 176 -50.53 16.76 22.09
N LEU C 177 -49.42 17.51 22.03
CA LEU C 177 -48.29 17.24 22.92
C LEU C 177 -48.11 18.30 23.97
N LYS C 178 -48.52 19.53 23.69
CA LYS C 178 -48.24 20.64 24.58
C LYS C 178 -48.91 21.91 24.02
N GLU C 179 -49.66 22.62 24.86
CA GLU C 179 -50.32 23.86 24.46
C GLU C 179 -49.31 24.99 24.52
N LEU C 180 -48.96 25.57 23.35
CA LEU C 180 -47.93 26.60 23.37
C LEU C 180 -48.45 28.00 23.71
N GLY C 181 -49.76 28.18 23.90
CA GLY C 181 -50.29 29.42 24.43
C GLY C 181 -50.64 30.44 23.37
N VAL C 182 -51.20 31.54 23.83
CA VAL C 182 -51.64 32.61 22.93
C VAL C 182 -50.54 33.65 22.79
N THR C 183 -50.27 34.04 21.56
CA THR C 183 -49.37 35.14 21.27
C THR C 183 -50.00 36.07 20.26
N LEU C 184 -49.44 37.29 20.15
CA LEU C 184 -50.02 38.36 19.34
C LEU C 184 -49.20 38.63 18.10
N VAL C 185 -49.89 38.86 16.98
CA VAL C 185 -49.28 39.22 15.71
C VAL C 185 -50.20 40.22 15.02
N GLY C 186 -49.67 41.41 14.77
CA GLY C 186 -50.54 42.51 14.44
C GLY C 186 -51.74 42.52 15.35
N ASP C 187 -52.90 42.65 14.74
CA ASP C 187 -54.16 42.83 15.42
C ASP C 187 -54.85 41.52 15.76
N LYS C 188 -54.19 40.39 15.45
CA LYS C 188 -54.73 39.04 15.61
C LYS C 188 -54.10 38.36 16.81
N THR C 189 -54.78 37.35 17.33
CA THR C 189 -54.19 36.47 18.34
C THR C 189 -53.98 35.08 17.77
N TYR C 190 -52.84 34.47 18.06
CA TYR C 190 -52.49 33.14 17.58
C TYR C 190 -52.42 32.20 18.76
N GLU C 191 -53.15 31.08 18.73
CA GLU C 191 -52.97 30.00 19.70
C GLU C 191 -52.33 28.82 18.98
N SER C 192 -51.11 28.45 19.36
CA SER C 192 -50.40 27.34 18.72
C SER C 192 -50.38 26.10 19.59
N PHE C 193 -49.99 25.00 18.95
CA PHE C 193 -50.00 23.67 19.53
C PHE C 193 -48.81 22.88 19.00
N LEU C 194 -48.16 22.11 19.87
CA LEU C 194 -47.16 21.15 19.46
C LEU C 194 -47.81 19.78 19.44
N MET C 195 -47.64 19.06 18.33
CA MET C 195 -48.52 17.94 18.08
C MET C 195 -47.82 16.75 17.45
N ARG C 196 -48.34 15.59 17.79
CA ARG C 196 -47.81 14.31 17.36
C ARG C 196 -48.70 13.78 16.27
N SER C 197 -48.09 13.42 15.14
CA SER C 197 -48.77 12.74 14.04
C SER C 197 -49.19 11.33 14.44
N LYS C 198 -50.45 11.14 14.83
CA LYS C 198 -51.04 9.81 14.92
C LYS C 198 -51.11 9.11 13.55
N LYS C 199 -51.63 9.80 12.53
CA LYS C 199 -51.98 9.12 11.28
C LYS C 199 -51.80 10.05 10.09
N VAL C 200 -51.01 9.63 9.09
CA VAL C 200 -50.85 10.41 7.87
C VAL C 200 -51.63 9.73 6.76
N TYR C 201 -52.74 10.34 6.35
CA TYR C 201 -53.59 9.78 5.34
C TYR C 201 -53.00 9.97 3.95
N GLU C 202 -53.25 8.99 3.08
CA GLU C 202 -52.66 8.94 1.76
C GLU C 202 -53.42 9.84 0.78
N GLN C 203 -54.73 10.01 1.02
CA GLN C 203 -55.67 10.78 0.24
C GLN C 203 -56.52 11.57 1.24
N TRP C 204 -56.78 12.85 0.95
CA TRP C 204 -57.44 13.75 1.88
C TRP C 204 -58.07 14.89 1.10
N SER C 205 -58.71 15.82 1.80
CA SER C 205 -59.63 16.71 1.09
C SER C 205 -58.92 17.73 0.23
N GLU C 206 -57.77 18.23 0.64
CA GLU C 206 -57.04 19.13 -0.23
C GLU C 206 -55.77 18.48 -0.71
N SER C 207 -55.91 17.34 -1.38
CA SER C 207 -54.79 16.53 -1.82
C SER C 207 -53.89 17.24 -2.81
N ARG C 208 -54.33 18.31 -3.43
CA ARG C 208 -53.48 18.87 -4.48
C ARG C 208 -52.31 19.62 -3.88
N ARG C 209 -52.40 19.93 -2.58
CA ARG C 209 -51.36 20.63 -1.84
C ARG C 209 -50.11 19.78 -1.71
N LEU C 210 -49.00 20.45 -1.50
CA LEU C 210 -47.70 19.83 -1.41
C LEU C 210 -47.37 19.67 0.06
N ARG C 211 -47.03 18.49 0.51
CA ARG C 211 -46.69 18.39 1.92
C ARG C 211 -45.33 17.76 2.09
N VAL C 212 -44.46 18.46 2.81
CA VAL C 212 -43.08 18.09 3.02
C VAL C 212 -42.91 17.92 4.52
N TRP C 213 -41.93 17.12 4.89
CA TRP C 213 -41.59 16.86 6.28
C TRP C 213 -40.14 17.27 6.48
N LEU C 214 -39.95 18.42 7.12
CA LEU C 214 -38.63 19.00 7.13
C LEU C 214 -38.04 18.97 8.54
N PRO C 215 -36.72 18.84 8.63
CA PRO C 215 -36.01 19.00 9.90
C PRO C 215 -36.18 20.41 10.47
N TRP C 216 -36.23 20.48 11.81
CA TRP C 216 -36.39 21.72 12.56
C TRP C 216 -35.72 22.90 11.87
N ASP C 217 -34.40 22.86 11.73
CA ASP C 217 -33.67 24.03 11.24
C ASP C 217 -34.09 24.39 9.81
N ASP C 218 -34.39 23.37 9.01
CA ASP C 218 -34.79 23.62 7.64
C ASP C 218 -36.15 24.28 7.57
N ALA C 219 -37.11 23.80 8.38
CA ALA C 219 -38.39 24.48 8.51
C ALA C 219 -38.18 25.96 8.84
N ILE C 220 -37.32 26.25 9.81
CA ILE C 220 -37.08 27.65 10.15
C ILE C 220 -36.50 28.39 8.96
N LEU C 221 -35.60 27.74 8.25
CA LEU C 221 -34.93 28.44 7.17
C LEU C 221 -35.93 28.75 6.06
N LEU C 222 -36.67 27.74 5.65
CA LEU C 222 -37.62 27.89 4.55
C LEU C 222 -38.81 28.77 4.94
N LEU C 223 -39.15 28.82 6.23
CA LEU C 223 -40.20 29.74 6.67
C LEU C 223 -39.71 31.18 6.65
N LYS C 224 -38.48 31.43 7.11
CA LYS C 224 -37.90 32.77 7.01
C LYS C 224 -37.95 33.29 5.58
N ALA C 225 -37.51 32.45 4.63
CA ALA C 225 -37.27 32.92 3.28
C ALA C 225 -38.52 33.56 2.65
N ASN C 226 -39.70 33.02 2.93
CA ASN C 226 -40.94 33.62 2.48
C ASN C 226 -41.50 34.65 3.45
N LYS C 227 -40.68 35.13 4.39
CA LYS C 227 -41.09 36.09 5.41
C LYS C 227 -42.38 35.65 6.09
N HIS C 228 -42.26 34.55 6.84
CA HIS C 228 -43.38 34.08 7.65
C HIS C 228 -43.01 34.18 9.13
N ASP C 229 -42.70 35.40 9.59
CA ASP C 229 -41.89 35.59 10.79
C ASP C 229 -42.59 35.12 12.05
N GLU C 230 -43.94 35.18 12.05
CA GLU C 230 -44.70 34.65 13.17
C GLU C 230 -44.64 33.12 13.17
N MET C 231 -44.74 32.50 12.00
CA MET C 231 -44.56 31.06 11.92
C MET C 231 -43.16 30.63 12.28
N VAL C 232 -42.15 31.50 12.11
CA VAL C 232 -40.83 31.15 12.59
C VAL C 232 -40.81 31.14 14.13
N GLU C 233 -41.47 32.10 14.78
CA GLU C 233 -41.42 32.11 16.24
C GLU C 233 -42.15 30.93 16.85
N ILE C 234 -43.26 30.47 16.24
CA ILE C 234 -43.90 29.26 16.76
C ILE C 234 -42.98 28.05 16.59
N VAL C 235 -42.37 27.89 15.42
CA VAL C 235 -41.53 26.70 15.24
C VAL C 235 -40.38 26.70 16.23
N LYS C 236 -39.98 27.88 16.70
CA LYS C 236 -38.93 28.01 17.71
C LYS C 236 -39.46 27.69 19.10
N GLN C 237 -40.55 28.35 19.52
CA GLN C 237 -41.15 28.05 20.81
C GLN C 237 -41.44 26.56 20.92
N ALA C 238 -41.90 25.96 19.83
CA ALA C 238 -42.26 24.55 19.86
C ALA C 238 -41.04 23.70 20.10
N ARG C 239 -39.93 24.06 19.43
CA ARG C 239 -38.67 23.33 19.60
C ARG C 239 -38.20 23.34 21.04
N ALA C 240 -38.33 24.48 21.74
CA ALA C 240 -38.15 24.53 23.17
C ALA C 240 -39.04 23.52 23.87
N ALA C 241 -40.35 23.63 23.69
CA ALA C 241 -41.26 22.73 24.38
C ALA C 241 -40.91 21.28 24.12
N ALA C 242 -40.60 20.95 22.87
CA ALA C 242 -40.28 19.57 22.52
C ALA C 242 -38.99 19.10 23.17
N ALA C 243 -37.98 19.99 23.24
CA ALA C 243 -36.68 19.62 23.80
C ALA C 243 -36.78 19.37 25.29
N ALA C 244 -37.46 20.28 26.01
CA ALA C 244 -37.77 20.08 27.42
C ALA C 244 -38.43 18.73 27.66
N LYS C 245 -39.53 18.46 26.93
CA LYS C 245 -40.37 17.24 27.11
C LYS C 245 -40.65 16.93 28.56
N VAL D 5 27.26 7.50 -20.02
CA VAL D 5 26.73 8.74 -19.47
C VAL D 5 26.13 8.52 -18.08
N LYS D 6 26.74 9.14 -17.06
CA LYS D 6 26.36 8.90 -15.67
C LYS D 6 25.11 9.73 -15.33
N LEU D 7 23.99 9.05 -15.06
CA LEU D 7 22.76 9.75 -14.71
C LEU D 7 22.54 9.78 -13.21
N GLU D 8 23.62 9.71 -12.41
CA GLU D 8 23.46 9.39 -10.99
C GLU D 8 22.87 10.58 -10.22
N ASN D 9 23.47 11.76 -10.37
CA ASN D 9 22.93 12.95 -9.70
C ASN D 9 21.52 13.27 -10.22
N ILE D 10 21.35 13.38 -11.54
CA ILE D 10 20.04 13.73 -12.11
C ILE D 10 18.93 12.86 -11.52
N LEU D 11 19.24 11.59 -11.25
CA LEU D 11 18.27 10.66 -10.69
C LEU D 11 18.06 10.84 -9.19
N THR D 12 19.12 11.20 -8.46
CA THR D 12 18.95 11.54 -7.05
C THR D 12 18.12 12.81 -6.88
N ILE D 13 18.51 13.89 -7.57
CA ILE D 13 17.68 15.10 -7.68
C ILE D 13 16.28 14.81 -8.22
N PHE D 14 16.15 13.84 -9.15
CA PHE D 14 14.81 13.55 -9.66
C PHE D 14 13.83 13.22 -8.55
N VAL D 15 14.25 12.61 -7.46
CA VAL D 15 13.33 12.26 -6.38
C VAL D 15 13.26 13.37 -5.33
N GLN D 16 14.40 13.99 -4.97
CA GLN D 16 14.37 15.13 -4.07
C GLN D 16 13.36 16.17 -4.54
N ARG D 17 13.48 16.60 -5.81
CA ARG D 17 12.49 17.50 -6.37
C ARG D 17 11.11 16.81 -6.49
N ALA D 18 11.07 15.52 -6.81
CA ALA D 18 9.83 14.76 -6.94
C ALA D 18 9.17 14.44 -5.61
N LYS D 19 9.95 13.94 -4.65
CA LYS D 19 9.39 13.60 -3.35
C LYS D 19 8.91 14.86 -2.62
N ALA D 20 9.69 15.94 -2.70
CA ALA D 20 9.28 17.17 -2.02
C ALA D 20 8.01 17.74 -2.62
N LYS D 21 7.95 17.90 -3.94
CA LYS D 21 6.85 18.57 -4.62
C LYS D 21 5.74 17.60 -5.10
N LEU D 22 5.48 16.52 -4.37
CA LEU D 22 4.43 15.55 -4.67
C LEU D 22 3.86 14.99 -3.38
N PRO D 23 2.62 14.44 -3.40
CA PRO D 23 1.98 14.00 -2.14
C PRO D 23 2.65 12.84 -1.39
N GLN D 24 1.96 12.37 -0.34
CA GLN D 24 2.45 11.25 0.45
C GLN D 24 2.27 9.95 -0.31
N GLY D 25 1.04 9.65 -0.72
CA GLY D 25 0.77 8.56 -1.65
C GLY D 25 1.56 8.24 -2.91
N PHE D 26 1.60 9.17 -3.88
CA PHE D 26 2.59 9.15 -4.96
C PHE D 26 2.72 7.74 -5.57
N THR D 27 1.59 7.37 -6.17
CA THR D 27 1.52 6.27 -7.11
C THR D 27 2.31 6.57 -8.38
N ALA D 28 2.83 5.49 -8.96
CA ALA D 28 3.61 5.54 -10.18
C ALA D 28 2.89 6.27 -11.31
N ALA D 29 1.61 5.90 -11.56
CA ALA D 29 0.83 6.52 -12.63
C ALA D 29 0.71 8.03 -12.41
N ALA D 30 0.59 8.46 -11.16
CA ALA D 30 0.61 9.89 -10.87
C ALA D 30 1.94 10.51 -11.28
N LEU D 31 3.06 9.90 -10.87
CA LEU D 31 4.39 10.39 -11.22
C LEU D 31 4.54 10.66 -12.72
N GLY D 32 3.80 9.92 -13.54
CA GLY D 32 3.83 10.15 -14.98
C GLY D 32 3.13 11.42 -15.38
N ASN D 33 2.10 11.80 -14.63
CA ASN D 33 1.39 13.04 -14.92
C ASN D 33 2.20 14.26 -14.49
N TRP D 34 3.07 14.12 -13.49
CA TRP D 34 3.90 15.23 -13.04
C TRP D 34 4.64 15.89 -14.21
N LYS D 35 4.53 17.21 -14.32
CA LYS D 35 5.14 17.93 -15.43
C LYS D 35 6.66 18.07 -15.29
N GLY D 36 7.19 17.91 -14.08
CA GLY D 36 8.64 17.88 -13.89
C GLY D 36 9.24 16.53 -14.13
N PHE D 37 8.41 15.59 -14.59
CA PHE D 37 8.80 14.26 -15.03
C PHE D 37 9.23 14.27 -16.50
N SER D 38 8.41 14.84 -17.38
CA SER D 38 8.69 14.71 -18.80
C SER D 38 9.87 15.56 -19.25
N ARG D 39 10.26 16.58 -18.49
CA ARG D 39 11.46 17.33 -18.87
C ARG D 39 12.72 16.53 -18.57
N ARG D 40 12.75 15.84 -17.43
CA ARG D 40 13.88 14.97 -17.10
C ARG D 40 14.05 13.88 -18.14
N VAL D 41 12.95 13.28 -18.58
CA VAL D 41 13.00 12.29 -19.66
C VAL D 41 13.49 12.94 -20.95
N ASP D 42 12.93 14.10 -21.29
CA ASP D 42 13.41 14.84 -22.45
C ASP D 42 14.86 15.24 -22.28
N THR D 43 15.31 15.40 -21.03
CA THR D 43 16.66 15.89 -20.79
C THR D 43 17.70 14.80 -21.07
N VAL D 44 17.38 13.53 -20.79
CA VAL D 44 18.34 12.46 -21.03
C VAL D 44 18.35 12.08 -22.50
N MET D 45 17.20 12.12 -23.16
CA MET D 45 17.11 11.72 -24.55
C MET D 45 18.04 12.51 -25.46
N GLU D 46 18.58 13.64 -24.99
CA GLU D 46 19.53 14.43 -25.76
C GLU D 46 20.94 13.85 -25.74
N HIS D 47 21.16 12.72 -25.08
CA HIS D 47 22.45 12.06 -25.11
C HIS D 47 22.54 11.00 -26.18
N TYR D 48 21.41 10.48 -26.65
CA TYR D 48 21.45 9.42 -27.65
C TYR D 48 22.07 9.94 -28.95
N PRO D 49 22.56 9.03 -29.79
CA PRO D 49 23.12 9.44 -31.09
C PRO D 49 22.06 10.09 -31.98
N LYS D 50 22.40 11.27 -32.51
CA LYS D 50 21.45 11.99 -33.35
C LYS D 50 21.05 11.15 -34.56
N GLY D 51 19.77 11.19 -34.88
CA GLY D 51 19.32 10.61 -36.13
C GLY D 51 18.94 9.15 -36.06
N LEU D 52 18.29 8.76 -34.97
CA LEU D 52 17.69 7.45 -34.83
C LEU D 52 16.33 7.41 -35.53
N SER D 53 15.93 6.22 -35.98
CA SER D 53 14.60 6.07 -36.56
C SER D 53 13.53 6.47 -35.57
N GLU D 54 12.33 6.80 -36.08
CA GLU D 54 11.25 7.16 -35.18
C GLU D 54 10.82 5.99 -34.33
N LYS D 55 10.74 4.82 -34.94
CA LYS D 55 10.38 3.62 -34.21
C LYS D 55 11.34 3.37 -33.04
N ALA D 56 12.62 3.65 -33.24
CA ALA D 56 13.60 3.43 -32.17
C ALA D 56 13.42 4.44 -31.06
N ILE D 57 13.24 5.71 -31.42
CA ILE D 57 13.12 6.76 -30.41
C ILE D 57 11.95 6.45 -29.49
N LYS D 58 10.93 5.76 -30.00
CA LYS D 58 9.78 5.40 -29.18
C LYS D 58 10.15 4.35 -28.15
N GLU D 59 10.85 3.28 -28.59
CA GLU D 59 11.32 2.25 -27.67
C GLU D 59 12.21 2.84 -26.60
N LEU D 60 13.19 3.63 -27.02
CA LEU D 60 14.16 4.20 -26.09
C LEU D 60 13.46 5.07 -25.06
N ARG D 61 12.50 5.88 -25.50
CA ARG D 61 11.75 6.71 -24.56
C ARG D 61 10.85 5.86 -23.65
N THR D 62 10.15 4.85 -24.19
CA THR D 62 9.47 3.92 -23.30
C THR D 62 10.40 3.49 -22.19
N ALA D 63 11.70 3.32 -22.50
CA ALA D 63 12.63 2.66 -21.58
C ALA D 63 13.19 3.63 -20.55
N GLU D 64 13.49 4.87 -20.93
CA GLU D 64 13.95 5.81 -19.91
C GLU D 64 12.82 6.20 -18.97
N THR D 65 11.59 6.26 -19.47
CA THR D 65 10.45 6.22 -18.56
C THR D 65 10.65 5.18 -17.47
N LYS D 66 10.89 3.93 -17.89
CA LYS D 66 11.05 2.85 -16.92
C LYS D 66 12.20 3.14 -15.97
N ARG D 67 13.31 3.66 -16.49
CA ARG D 67 14.47 3.90 -15.65
C ARG D 67 14.14 4.87 -14.54
N PHE D 68 13.40 5.93 -14.85
CA PHE D 68 13.05 6.93 -13.85
C PHE D 68 11.98 6.41 -12.91
N THR D 69 10.80 6.05 -13.44
CA THR D 69 9.73 5.53 -12.60
C THR D 69 10.24 4.54 -11.57
N ASP D 70 11.04 3.57 -12.04
CA ASP D 70 11.51 2.49 -11.17
C ASP D 70 12.43 3.02 -10.07
N TYR D 71 13.37 3.89 -10.43
CA TYR D 71 14.22 4.50 -9.41
C TYR D 71 13.36 5.18 -8.35
N ALA D 72 12.47 6.06 -8.80
CA ALA D 72 11.59 6.80 -7.90
C ALA D 72 10.80 5.85 -7.01
N MET D 73 9.98 4.99 -7.61
CA MET D 73 9.10 4.13 -6.84
C MET D 73 9.81 3.02 -6.08
N LEU D 74 11.12 2.75 -6.35
CA LEU D 74 11.74 1.53 -5.83
C LEU D 74 13.17 1.69 -5.33
N GLY D 75 13.98 2.59 -5.87
CA GLY D 75 15.30 2.84 -5.30
C GLY D 75 16.43 2.60 -6.27
N PRO D 76 17.68 2.68 -5.79
CA PRO D 76 18.83 2.39 -6.65
C PRO D 76 19.11 0.90 -6.67
N SER D 77 19.19 0.31 -7.87
CA SER D 77 19.47 -1.11 -8.00
C SER D 77 20.92 -1.41 -7.63
N ASP D 78 21.30 -2.68 -7.76
CA ASP D 78 22.64 -3.07 -7.40
C ASP D 78 23.10 -4.21 -8.27
N LYS D 79 24.42 -4.34 -8.43
CA LYS D 79 24.99 -5.48 -9.16
C LYS D 79 24.49 -6.79 -8.59
N TYR D 80 24.30 -6.87 -7.28
CA TYR D 80 23.73 -8.05 -6.62
C TYR D 80 22.20 -8.00 -6.55
N ASN D 81 21.58 -6.85 -6.84
CA ASN D 81 20.14 -6.67 -6.67
C ASN D 81 19.57 -6.04 -7.94
N LEU D 82 19.05 -6.90 -8.84
CA LEU D 82 18.55 -6.48 -10.14
C LEU D 82 17.13 -7.00 -10.39
N LEU D 83 16.41 -7.43 -9.37
CA LEU D 83 15.03 -7.87 -9.56
C LEU D 83 14.03 -6.74 -9.26
N ARG D 84 13.20 -6.42 -10.25
CA ARG D 84 12.08 -5.50 -10.08
C ARG D 84 10.90 -6.27 -9.52
N PRO D 85 10.37 -5.90 -8.36
CA PRO D 85 9.09 -6.47 -7.94
C PRO D 85 8.01 -6.06 -8.92
N MET D 86 7.06 -6.97 -9.15
CA MET D 86 5.85 -6.62 -9.89
C MET D 86 4.77 -7.63 -9.57
N GLN D 87 3.52 -7.17 -9.72
CA GLN D 87 2.34 -7.86 -9.21
C GLN D 87 1.32 -8.04 -10.32
N GLY D 88 0.40 -8.98 -10.12
CA GLY D 88 -0.60 -9.34 -11.11
C GLY D 88 -0.09 -10.10 -12.32
N VAL D 89 1.24 -10.27 -12.44
CA VAL D 89 1.82 -10.96 -13.59
C VAL D 89 1.44 -12.43 -13.56
N ASP D 90 0.91 -12.91 -14.68
CA ASP D 90 0.60 -14.33 -14.82
C ASP D 90 1.85 -15.20 -14.66
N GLU D 91 1.66 -16.41 -14.13
CA GLU D 91 2.79 -17.34 -13.92
C GLU D 91 3.34 -17.90 -15.22
N ALA D 92 2.59 -17.83 -16.32
CA ALA D 92 3.06 -18.24 -17.64
C ALA D 92 3.75 -17.10 -18.38
N MET D 93 3.84 -15.92 -17.76
CA MET D 93 4.69 -14.83 -18.25
C MET D 93 5.83 -14.51 -17.29
N ILE D 94 6.17 -15.46 -16.41
CA ILE D 94 7.26 -15.33 -15.46
C ILE D 94 8.35 -16.31 -15.87
N ALA D 95 9.59 -15.80 -15.99
CA ALA D 95 10.69 -16.66 -16.36
C ALA D 95 10.77 -17.84 -15.39
N PRO D 96 11.35 -18.94 -15.81
CA PRO D 96 11.52 -20.08 -14.89
C PRO D 96 12.76 -19.99 -14.00
N ASN D 97 12.55 -20.41 -12.73
CA ASN D 97 13.61 -20.76 -11.77
C ASN D 97 14.29 -19.54 -11.15
N LEU D 98 13.47 -18.56 -10.72
CA LEU D 98 13.98 -17.32 -10.12
C LEU D 98 14.40 -17.45 -8.66
N VAL D 99 14.58 -18.67 -8.16
CA VAL D 99 14.91 -18.84 -6.75
C VAL D 99 16.36 -18.50 -6.47
N SER D 100 17.26 -18.91 -7.37
CA SER D 100 18.64 -18.44 -7.32
C SER D 100 18.98 -17.67 -8.61
N GLY D 114 38.49 -13.56 -17.54
CA GLY D 114 37.67 -14.50 -18.31
C GLY D 114 37.78 -14.27 -19.81
N ARG D 115 38.44 -15.20 -20.50
CA ARG D 115 38.81 -15.00 -21.90
C ARG D 115 37.70 -15.37 -22.89
N SER D 116 36.78 -16.25 -22.52
CA SER D 116 35.75 -16.72 -23.41
C SER D 116 34.49 -15.92 -23.14
N VAL D 117 33.95 -15.29 -24.20
CA VAL D 117 32.70 -14.52 -24.16
C VAL D 117 31.74 -15.08 -25.20
N VAL D 118 30.47 -15.30 -24.82
CA VAL D 118 29.43 -15.60 -25.80
C VAL D 118 28.53 -14.39 -25.91
N CYS D 119 27.75 -14.35 -26.99
CA CYS D 119 27.20 -13.07 -27.42
C CYS D 119 26.03 -13.29 -28.38
N ASN D 120 25.01 -12.45 -28.31
CA ASN D 120 23.74 -12.82 -28.92
C ASN D 120 23.17 -11.69 -29.75
N VAL D 121 22.71 -12.02 -30.95
CA VAL D 121 21.86 -11.15 -31.74
C VAL D 121 20.48 -11.81 -31.78
N VAL D 122 19.54 -11.30 -30.98
CA VAL D 122 18.25 -11.94 -30.75
C VAL D 122 17.21 -11.23 -31.59
N MET D 123 16.90 -11.79 -32.75
CA MET D 123 15.90 -11.21 -33.64
C MET D 123 14.49 -11.50 -33.15
N ARG D 124 13.60 -10.54 -33.34
CA ARG D 124 12.20 -10.80 -33.06
C ARG D 124 11.47 -11.02 -34.38
N SER D 125 10.51 -11.95 -34.38
CA SER D 125 9.70 -12.15 -35.58
C SER D 125 8.97 -10.86 -35.93
N GLU D 126 9.03 -10.49 -37.21
CA GLU D 126 8.32 -9.31 -37.71
C GLU D 126 6.86 -9.28 -37.25
N ALA D 127 6.25 -10.46 -37.14
CA ALA D 127 4.90 -10.57 -36.59
C ALA D 127 4.84 -9.98 -35.18
N GLU D 128 5.87 -10.21 -34.38
CA GLU D 128 5.83 -9.86 -32.97
C GLU D 128 6.30 -8.44 -32.72
N GLY D 129 6.68 -7.70 -33.77
CA GLY D 129 7.19 -6.35 -33.65
C GLY D 129 8.48 -6.15 -34.41
N GLY D 130 9.41 -7.10 -34.28
CA GLY D 130 10.68 -7.06 -34.97
C GLY D 130 11.77 -6.39 -34.15
N GLY D 131 13.00 -6.43 -34.67
CA GLY D 131 14.11 -5.70 -34.11
C GLY D 131 15.11 -6.59 -33.39
N ILE D 132 16.17 -5.93 -32.93
CA ILE D 132 17.32 -6.58 -32.32
C ILE D 132 17.31 -6.26 -30.84
N LEU D 133 17.23 -7.30 -30.01
CA LEU D 133 17.20 -7.13 -28.56
C LEU D 133 18.53 -6.55 -28.08
N LEU D 134 18.45 -5.41 -27.41
CA LEU D 134 19.55 -4.78 -26.68
C LEU D 134 19.14 -4.59 -25.23
N ILE D 135 20.08 -4.72 -24.31
CA ILE D 135 19.75 -4.56 -22.91
C ILE D 135 20.64 -3.48 -22.28
N SER D 136 20.19 -3.00 -21.13
CA SER D 136 20.91 -1.99 -20.39
C SER D 136 21.97 -2.64 -19.52
N SER D 137 23.00 -1.86 -19.24
CA SER D 137 24.07 -2.29 -18.37
C SER D 137 23.51 -2.69 -17.00
N SER D 138 24.34 -3.40 -16.23
CA SER D 138 24.00 -3.72 -14.85
C SER D 138 23.95 -2.49 -13.97
N LYS D 139 24.66 -1.41 -14.35
CA LYS D 139 24.67 -0.14 -13.64
C LYS D 139 23.59 0.76 -14.23
N LEU D 140 22.38 0.75 -13.63
CA LEU D 140 21.26 1.50 -14.19
C LEU D 140 21.49 3.01 -14.14
N ASP D 141 22.25 3.50 -13.15
CA ASP D 141 22.60 4.91 -13.00
C ASP D 141 23.53 5.40 -14.12
N LYS D 142 23.72 4.57 -15.15
CA LYS D 142 24.50 4.92 -16.32
C LYS D 142 23.70 4.48 -17.54
N GLN D 143 23.90 5.21 -18.64
CA GLN D 143 23.14 4.99 -19.88
C GLN D 143 24.00 4.23 -20.89
N ASP D 144 23.86 2.88 -20.90
CA ASP D 144 24.59 2.01 -21.81
C ASP D 144 23.69 0.86 -22.26
N PHE D 145 23.80 0.51 -23.53
CA PHE D 145 23.06 -0.60 -24.11
C PHE D 145 24.06 -1.50 -24.81
N ILE D 146 23.86 -2.82 -24.64
CA ILE D 146 24.75 -3.84 -25.17
C ILE D 146 23.92 -5.03 -25.66
N LEU D 147 24.46 -5.75 -26.65
CA LEU D 147 23.95 -7.08 -26.94
C LEU D 147 24.06 -7.96 -25.70
N PRO D 148 23.14 -8.87 -25.47
CA PRO D 148 23.25 -9.75 -24.30
C PRO D 148 24.49 -10.63 -24.38
N LYS D 149 25.29 -10.67 -23.32
CA LYS D 149 26.53 -11.42 -23.40
C LYS D 149 26.92 -11.97 -22.04
N GLY D 150 27.72 -13.02 -22.06
CA GLY D 150 28.16 -13.66 -20.84
C GLY D 150 29.47 -14.41 -21.00
N GLY D 151 29.84 -15.18 -19.98
CA GLY D 151 30.99 -16.04 -20.05
C GLY D 151 30.54 -17.46 -19.85
N LEU D 152 31.50 -18.37 -19.91
CA LEU D 152 31.17 -19.79 -19.94
C LEU D 152 31.53 -20.48 -18.62
N GLU D 153 30.54 -21.14 -18.03
CA GLU D 153 30.80 -22.06 -16.94
C GLU D 153 31.82 -23.10 -17.41
N LYS D 154 32.63 -23.59 -16.47
CA LYS D 154 33.62 -24.61 -16.81
C LYS D 154 32.92 -25.84 -17.39
N GLY D 155 33.38 -26.28 -18.57
CA GLY D 155 32.81 -27.40 -19.28
C GLY D 155 31.52 -27.13 -20.03
N GLU D 156 31.02 -25.90 -20.02
CA GLU D 156 29.76 -25.59 -20.69
C GLU D 156 30.03 -25.16 -22.11
N ILE D 157 29.16 -25.53 -22.99
CA ILE D 157 29.29 -25.26 -24.42
C ILE D 157 28.69 -23.91 -24.72
N ALA D 158 29.23 -23.24 -25.75
CA ALA D 158 28.89 -21.85 -25.97
C ALA D 158 27.40 -21.67 -26.20
N TYR D 159 26.78 -22.58 -26.94
CA TYR D 159 25.37 -22.42 -27.28
C TYR D 159 24.51 -22.47 -26.03
N GLY D 160 24.86 -23.32 -25.07
CA GLY D 160 24.05 -23.39 -23.86
C GLY D 160 24.26 -22.25 -22.89
N ALA D 161 25.44 -21.63 -22.91
CA ALA D 161 25.67 -20.41 -22.14
C ALA D 161 24.82 -19.27 -22.68
N ALA D 162 24.90 -19.01 -23.99
CA ALA D 162 24.13 -17.95 -24.62
C ALA D 162 22.63 -18.08 -24.32
N LYS D 163 22.09 -19.29 -24.41
CA LYS D 163 20.72 -19.54 -24.02
C LYS D 163 20.47 -19.08 -22.60
N ARG D 164 21.22 -19.67 -21.65
CA ARG D 164 21.09 -19.34 -20.23
C ARG D 164 21.19 -17.84 -19.97
N GLU D 165 22.20 -17.19 -20.57
CA GLU D 165 22.47 -15.78 -20.31
C GLU D 165 21.38 -14.85 -20.84
N VAL D 166 20.90 -15.07 -22.05
CA VAL D 166 19.77 -14.26 -22.51
C VAL D 166 18.59 -14.40 -21.56
N LEU D 167 18.23 -15.64 -21.21
CA LEU D 167 17.06 -15.83 -20.36
C LEU D 167 17.27 -15.22 -18.97
N GLU D 168 18.45 -15.39 -18.39
CA GLU D 168 18.71 -14.83 -17.06
C GLU D 168 18.78 -13.31 -17.10
N GLU D 169 19.57 -12.73 -18.00
CA GLU D 169 19.69 -11.28 -17.98
C GLU D 169 18.65 -10.55 -18.81
N GLY D 170 17.98 -11.21 -19.74
CA GLY D 170 17.15 -10.47 -20.67
C GLY D 170 15.76 -11.07 -20.76
N GLY D 171 15.59 -12.22 -20.10
CA GLY D 171 14.30 -12.87 -19.98
C GLY D 171 13.67 -13.13 -21.33
N VAL D 172 14.48 -13.66 -22.26
CA VAL D 172 13.99 -14.13 -23.54
C VAL D 172 14.38 -15.58 -23.68
N LYS D 173 13.38 -16.44 -23.93
CA LYS D 173 13.64 -17.79 -24.37
C LYS D 173 13.96 -17.72 -25.87
N VAL D 174 15.03 -18.40 -26.26
CA VAL D 174 15.72 -18.18 -27.52
C VAL D 174 16.12 -19.53 -28.10
N LYS D 175 16.15 -19.63 -29.43
CA LYS D 175 16.65 -20.83 -30.12
C LYS D 175 17.64 -20.45 -31.20
N LYS D 176 18.72 -21.23 -31.31
CA LYS D 176 19.77 -21.03 -32.31
C LYS D 176 19.23 -20.98 -33.73
N LEU D 177 19.58 -19.93 -34.45
CA LEU D 177 19.25 -19.78 -35.85
C LEU D 177 20.44 -20.00 -36.74
N LYS D 178 21.60 -19.49 -36.34
CA LYS D 178 22.85 -19.70 -37.06
C LYS D 178 24.00 -19.36 -36.12
N GLU D 179 25.00 -20.23 -36.08
CA GLU D 179 26.24 -19.97 -35.37
C GLU D 179 27.07 -18.98 -36.17
N LEU D 180 27.62 -17.98 -35.50
CA LEU D 180 28.42 -16.98 -36.17
C LEU D 180 29.90 -17.15 -35.89
N GLY D 181 30.28 -18.07 -35.01
CA GLY D 181 31.66 -18.47 -34.92
C GLY D 181 32.51 -17.60 -34.01
N VAL D 182 33.81 -17.87 -34.03
CA VAL D 182 34.72 -17.30 -33.05
C VAL D 182 35.48 -16.15 -33.68
N THR D 183 35.57 -15.07 -32.92
CA THR D 183 36.21 -13.83 -33.29
C THR D 183 37.13 -13.42 -32.17
N LEU D 184 38.18 -12.68 -32.51
CA LEU D 184 39.18 -12.24 -31.55
C LEU D 184 39.02 -10.74 -31.30
N VAL D 185 38.85 -10.37 -30.05
CA VAL D 185 38.68 -8.98 -29.65
C VAL D 185 39.76 -8.68 -28.61
N GLY D 186 40.92 -8.25 -29.09
CA GLY D 186 42.07 -8.08 -28.22
C GLY D 186 42.59 -9.40 -27.66
N ASP D 187 42.33 -9.64 -26.38
CA ASP D 187 42.83 -10.82 -25.70
C ASP D 187 41.79 -11.90 -25.55
N LYS D 188 40.53 -11.58 -25.82
CA LYS D 188 39.38 -12.44 -25.55
C LYS D 188 38.94 -13.11 -26.85
N THR D 189 38.22 -14.21 -26.70
CA THR D 189 37.57 -14.84 -27.85
C THR D 189 36.06 -14.80 -27.63
N TYR D 190 35.35 -14.25 -28.62
CA TYR D 190 33.90 -14.10 -28.58
C TYR D 190 33.30 -15.14 -29.52
N GLU D 191 32.28 -15.87 -29.08
CA GLU D 191 31.53 -16.74 -29.97
C GLU D 191 30.09 -16.23 -30.02
N SER D 192 29.64 -15.86 -31.20
CA SER D 192 28.37 -15.16 -31.35
C SER D 192 27.35 -16.02 -32.09
N PHE D 193 26.07 -15.72 -31.82
CA PHE D 193 24.94 -16.50 -32.28
C PHE D 193 23.87 -15.55 -32.79
N LEU D 194 23.39 -15.76 -34.00
CA LEU D 194 22.16 -15.12 -34.44
C LEU D 194 21.01 -16.01 -33.97
N MET D 195 20.05 -15.44 -33.25
CA MET D 195 19.08 -16.26 -32.53
C MET D 195 17.67 -15.74 -32.71
N ARG D 196 16.71 -16.60 -32.42
CA ARG D 196 15.29 -16.31 -32.65
C ARG D 196 14.54 -16.25 -31.33
N SER D 197 13.84 -15.15 -31.11
CA SER D 197 13.08 -14.94 -29.88
C SER D 197 11.82 -15.78 -29.90
N LYS D 198 11.83 -16.91 -29.21
CA LYS D 198 10.64 -17.76 -29.14
C LYS D 198 9.58 -17.17 -28.22
N LYS D 199 9.98 -16.78 -27.01
CA LYS D 199 9.07 -16.48 -25.91
C LYS D 199 9.70 -15.34 -25.14
N VAL D 200 9.00 -14.23 -25.01
CA VAL D 200 9.51 -13.11 -24.23
C VAL D 200 8.77 -13.06 -22.91
N TYR D 201 9.49 -13.26 -21.82
CA TYR D 201 8.87 -13.23 -20.50
C TYR D 201 8.70 -11.80 -20.03
N GLU D 202 7.71 -11.61 -19.15
CA GLU D 202 7.37 -10.30 -18.58
C GLU D 202 8.13 -10.03 -17.28
N GLN D 203 8.31 -11.05 -16.45
CA GLN D 203 9.14 -10.95 -15.27
C GLN D 203 10.34 -11.88 -15.41
N TRP D 204 11.53 -11.41 -15.03
CA TRP D 204 12.71 -12.26 -15.06
C TRP D 204 13.68 -11.83 -13.98
N SER D 205 14.79 -12.56 -13.86
CA SER D 205 15.64 -12.38 -12.68
C SER D 205 16.28 -11.00 -12.66
N GLU D 206 16.82 -10.54 -13.79
CA GLU D 206 17.36 -9.18 -13.85
C GLU D 206 16.37 -8.20 -14.48
N SER D 207 15.10 -8.24 -14.06
CA SER D 207 14.01 -7.46 -14.63
C SER D 207 14.11 -5.96 -14.37
N ARG D 208 14.96 -5.55 -13.46
CA ARG D 208 15.16 -4.12 -13.22
C ARG D 208 15.99 -3.46 -14.34
N ARG D 209 16.57 -4.25 -15.24
CA ARG D 209 17.34 -3.77 -16.38
C ARG D 209 16.40 -3.25 -17.46
N LEU D 210 16.97 -2.78 -18.56
CA LEU D 210 16.18 -2.15 -19.60
C LEU D 210 16.33 -2.90 -20.93
N ARG D 211 15.22 -3.06 -21.64
CA ARG D 211 15.10 -3.88 -22.84
C ARG D 211 14.60 -3.02 -23.99
N VAL D 212 15.27 -3.06 -25.13
CA VAL D 212 14.71 -2.41 -26.30
C VAL D 212 14.73 -3.41 -27.44
N TRP D 213 13.96 -3.15 -28.48
CA TRP D 213 14.07 -3.95 -29.69
C TRP D 213 14.28 -2.97 -30.84
N LEU D 214 15.50 -2.87 -31.33
CA LEU D 214 15.73 -1.80 -32.27
C LEU D 214 15.99 -2.33 -33.67
N PRO D 215 15.75 -1.53 -34.70
CA PRO D 215 16.02 -1.97 -36.06
C PRO D 215 17.51 -2.08 -36.28
N TRP D 216 17.90 -2.94 -37.23
CA TRP D 216 19.32 -3.16 -37.53
C TRP D 216 20.12 -1.87 -37.42
N ASP D 217 19.80 -0.89 -38.25
CA ASP D 217 20.66 0.29 -38.34
C ASP D 217 20.69 1.11 -37.06
N ASP D 218 19.69 0.92 -36.21
CA ASP D 218 19.61 1.71 -35.00
C ASP D 218 20.45 1.07 -33.91
N ALA D 219 20.24 -0.24 -33.71
CA ALA D 219 21.10 -1.05 -32.87
C ALA D 219 22.56 -0.74 -33.14
N ILE D 220 22.93 -0.73 -34.42
CA ILE D 220 24.31 -0.45 -34.80
C ILE D 220 24.71 0.94 -34.35
N LEU D 221 23.84 1.92 -34.51
CA LEU D 221 24.25 3.28 -34.24
C LEU D 221 24.34 3.53 -32.75
N LEU D 222 23.34 3.07 -32.01
CA LEU D 222 23.35 3.13 -30.56
C LEU D 222 24.59 2.45 -29.99
N LEU D 223 25.09 1.41 -30.66
CA LEU D 223 26.24 0.65 -30.20
C LEU D 223 27.54 1.35 -30.57
N LYS D 224 27.65 1.81 -31.82
CA LYS D 224 28.84 2.56 -32.24
C LYS D 224 29.06 3.76 -31.32
N ALA D 225 27.97 4.41 -30.88
CA ALA D 225 28.01 5.54 -29.97
C ALA D 225 28.86 5.26 -28.73
N ASN D 226 28.52 4.20 -28.00
CA ASN D 226 29.26 3.81 -26.80
C ASN D 226 30.45 2.91 -27.10
N LYS D 227 31.03 3.06 -28.29
CA LYS D 227 32.35 2.53 -28.62
C LYS D 227 32.45 1.02 -28.40
N HIS D 228 31.30 0.36 -28.33
CA HIS D 228 31.19 -1.09 -28.44
C HIS D 228 31.51 -1.54 -29.85
N ASP D 229 32.73 -1.31 -30.31
CA ASP D 229 33.04 -1.59 -31.71
C ASP D 229 33.14 -3.08 -31.99
N GLU D 230 33.24 -3.92 -30.96
CA GLU D 230 33.22 -5.34 -31.25
C GLU D 230 31.79 -5.81 -31.47
N MET D 231 30.86 -5.30 -30.68
CA MET D 231 29.46 -5.63 -30.88
C MET D 231 28.94 -5.03 -32.17
N VAL D 232 29.53 -3.93 -32.63
CA VAL D 232 29.07 -3.35 -33.88
C VAL D 232 29.29 -4.35 -35.00
N GLU D 233 30.41 -5.06 -34.99
CA GLU D 233 30.71 -6.00 -36.08
C GLU D 233 29.87 -7.26 -35.98
N ILE D 234 29.73 -7.82 -34.78
CA ILE D 234 28.87 -8.99 -34.56
C ILE D 234 27.47 -8.74 -35.12
N VAL D 235 26.93 -7.54 -34.91
CA VAL D 235 25.63 -7.20 -35.49
C VAL D 235 25.70 -7.19 -37.01
N LYS D 236 26.71 -6.51 -37.56
CA LYS D 236 26.88 -6.44 -39.00
C LYS D 236 26.97 -7.83 -39.61
N GLN D 237 27.74 -8.70 -38.97
CA GLN D 237 27.85 -10.07 -39.42
C GLN D 237 26.51 -10.79 -39.32
N ALA D 238 25.63 -10.33 -38.43
CA ALA D 238 24.36 -11.01 -38.24
C ALA D 238 23.28 -10.57 -39.24
N ARG D 239 23.33 -9.33 -39.76
CA ARG D 239 22.45 -8.99 -40.88
C ARG D 239 22.77 -9.89 -42.05
N ALA D 240 24.03 -9.87 -42.47
CA ALA D 240 24.54 -10.81 -43.45
C ALA D 240 23.93 -12.21 -43.24
N ALA D 241 24.20 -12.79 -42.07
CA ALA D 241 23.80 -14.18 -41.82
C ALA D 241 22.30 -14.38 -41.97
N ALA D 242 21.53 -13.37 -41.61
CA ALA D 242 20.09 -13.44 -41.67
C ALA D 242 19.57 -13.13 -43.06
N ALA D 243 20.34 -12.34 -43.84
CA ALA D 243 20.01 -12.12 -45.23
C ALA D 243 19.91 -13.45 -45.98
N ALA D 244 21.03 -14.19 -46.06
CA ALA D 244 21.05 -15.47 -46.76
C ALA D 244 19.79 -16.30 -46.47
N LYS D 245 19.38 -16.35 -45.19
CA LYS D 245 18.11 -17.00 -44.81
C LYS D 245 16.88 -16.08 -44.90
N SER E 38 77.68 -6.98 -56.73
CA SER E 38 76.99 -8.11 -57.34
C SER E 38 77.65 -9.44 -56.94
N ARG E 39 78.88 -9.35 -56.42
CA ARG E 39 79.63 -10.54 -56.00
C ARG E 39 78.85 -11.34 -54.97
N ARG E 40 78.66 -10.78 -53.78
CA ARG E 40 77.83 -11.42 -52.78
C ARG E 40 76.43 -11.73 -53.33
N VAL E 41 75.91 -10.88 -54.23
CA VAL E 41 74.56 -11.03 -54.76
C VAL E 41 74.39 -12.28 -55.62
N ASP E 42 75.48 -12.78 -56.20
CA ASP E 42 75.43 -14.11 -56.80
C ASP E 42 75.26 -15.18 -55.73
N THR E 43 75.86 -14.97 -54.56
CA THR E 43 75.86 -15.97 -53.49
C THR E 43 74.54 -16.02 -52.73
N VAL E 44 73.84 -14.88 -52.60
CA VAL E 44 72.58 -14.85 -51.87
C VAL E 44 71.56 -15.74 -52.56
N MET E 45 71.33 -15.53 -53.86
CA MET E 45 70.30 -16.24 -54.60
C MET E 45 70.46 -17.76 -54.57
N GLU E 46 71.60 -18.25 -54.07
CA GLU E 46 71.83 -19.69 -53.94
C GLU E 46 71.25 -20.29 -52.68
N HIS E 47 70.74 -19.47 -51.75
CA HIS E 47 70.15 -19.96 -50.51
C HIS E 47 68.64 -20.16 -50.63
N TYR E 48 68.01 -19.62 -51.69
CA TYR E 48 66.60 -19.86 -51.97
C TYR E 48 66.43 -21.22 -52.64
N PRO E 49 65.23 -21.78 -52.63
CA PRO E 49 65.03 -23.12 -53.18
C PRO E 49 64.83 -23.11 -54.70
N LYS E 50 64.97 -24.30 -55.27
CA LYS E 50 64.79 -24.55 -56.69
C LYS E 50 63.38 -25.07 -56.96
N GLY E 51 62.77 -24.57 -58.03
CA GLY E 51 61.41 -24.96 -58.36
C GLY E 51 60.59 -23.76 -58.75
N ILE E 57 61.80 -15.79 -59.29
CA ILE E 57 63.13 -15.42 -58.81
C ILE E 57 63.40 -13.94 -59.10
N LYS E 58 62.71 -13.42 -60.11
CA LYS E 58 62.95 -12.06 -60.57
C LYS E 58 62.66 -11.06 -59.46
N GLU E 59 61.44 -11.09 -58.93
CA GLU E 59 61.09 -10.24 -57.80
C GLU E 59 62.01 -10.50 -56.61
N LEU E 60 62.52 -11.74 -56.49
CA LEU E 60 63.43 -12.06 -55.41
C LEU E 60 64.78 -11.36 -55.59
N ARG E 61 65.38 -11.49 -56.77
CA ARG E 61 66.68 -10.89 -57.03
C ARG E 61 66.70 -9.40 -56.71
N THR E 62 65.81 -8.64 -57.35
CA THR E 62 65.72 -7.19 -57.17
C THR E 62 65.48 -6.80 -55.71
N ALA E 63 64.93 -7.71 -54.90
CA ALA E 63 64.72 -7.42 -53.48
C ALA E 63 66.04 -7.44 -52.71
N GLU E 64 66.83 -8.48 -52.91
CA GLU E 64 68.12 -8.53 -52.24
C GLU E 64 69.09 -7.47 -52.75
N THR E 65 68.84 -6.92 -53.95
CA THR E 65 69.49 -5.69 -54.34
C THR E 65 69.37 -4.65 -53.23
N LYS E 66 68.14 -4.45 -52.76
CA LYS E 66 67.85 -3.45 -51.74
C LYS E 66 68.41 -3.86 -50.37
N ARG E 67 68.45 -5.15 -50.04
CA ARG E 67 68.90 -5.52 -48.70
C ARG E 67 70.36 -5.11 -48.51
N PHE E 68 71.26 -5.62 -49.38
CA PHE E 68 72.69 -5.33 -49.26
C PHE E 68 72.94 -3.83 -49.07
N THR E 69 72.37 -3.03 -49.97
CA THR E 69 72.83 -1.67 -50.25
C THR E 69 73.02 -0.81 -49.00
N ASP E 70 72.22 -1.05 -47.96
CA ASP E 70 72.04 -0.03 -46.93
C ASP E 70 73.06 -0.10 -45.81
N TYR E 71 73.36 -1.29 -45.31
CA TYR E 71 73.69 -1.44 -43.89
C TYR E 71 74.72 -0.46 -43.37
N GLU E 91 54.49 14.35 -53.23
CA GLU E 91 53.11 14.24 -52.78
C GLU E 91 52.86 12.90 -52.10
N ALA E 92 52.13 12.93 -50.98
CA ALA E 92 51.66 11.71 -50.25
C ALA E 92 52.87 10.82 -49.97
N MET E 93 52.83 9.55 -50.32
CA MET E 93 54.01 8.69 -50.36
C MET E 93 54.77 8.73 -49.03
N ILE E 94 54.02 8.44 -47.99
CA ILE E 94 54.48 8.28 -46.63
C ILE E 94 53.22 7.82 -45.93
N ALA E 95 53.30 7.59 -44.64
CA ALA E 95 52.18 7.00 -43.99
C ALA E 95 52.13 7.63 -42.62
N PRO E 96 50.95 7.95 -42.12
CA PRO E 96 50.85 8.59 -40.82
C PRO E 96 51.09 7.66 -39.66
N ASN E 97 51.25 8.27 -38.49
CA ASN E 97 51.83 7.62 -37.33
C ASN E 97 51.65 8.57 -36.17
N LEU E 98 51.57 8.02 -34.96
CA LEU E 98 51.33 8.82 -33.76
C LEU E 98 52.62 9.30 -33.09
N ARG E 115 49.27 -14.38 -26.96
CA ARG E 115 48.44 -15.55 -27.28
C ARG E 115 47.15 -15.19 -28.03
N SER E 116 47.33 -14.49 -29.15
CA SER E 116 46.29 -14.08 -30.09
C SER E 116 47.00 -13.30 -31.18
N VAL E 117 46.78 -13.65 -32.42
CA VAL E 117 47.59 -13.17 -33.52
C VAL E 117 46.64 -12.87 -34.67
N VAL E 118 46.92 -11.82 -35.44
CA VAL E 118 46.24 -11.64 -36.71
C VAL E 118 47.28 -11.78 -37.80
N CYS E 119 46.85 -12.37 -38.91
CA CYS E 119 47.70 -12.72 -40.03
C CYS E 119 47.05 -12.15 -41.29
N ASN E 120 47.87 -11.77 -42.27
CA ASN E 120 47.38 -11.00 -43.41
C ASN E 120 47.97 -11.53 -44.72
N VAL E 121 47.12 -12.10 -45.57
CA VAL E 121 47.50 -12.55 -46.90
C VAL E 121 47.06 -11.45 -47.88
N VAL E 122 48.00 -10.59 -48.30
CA VAL E 122 47.69 -9.38 -49.06
C VAL E 122 47.99 -9.61 -50.54
N MET E 123 46.97 -9.43 -51.38
CA MET E 123 46.97 -9.79 -52.80
C MET E 123 47.07 -8.55 -53.68
N ARG E 124 47.91 -8.60 -54.74
CA ARG E 124 47.91 -7.52 -55.73
C ARG E 124 46.57 -7.44 -56.43
N SER E 125 46.30 -6.27 -57.01
CA SER E 125 45.16 -6.15 -57.90
C SER E 125 45.42 -6.95 -59.18
N GLU E 126 44.35 -7.15 -59.97
CA GLU E 126 44.47 -7.95 -61.19
C GLU E 126 45.54 -7.39 -62.12
N ALA E 127 45.57 -6.07 -62.31
CA ALA E 127 46.62 -5.38 -63.02
C ALA E 127 47.71 -4.94 -62.03
N GLU E 128 48.75 -4.30 -62.55
CA GLU E 128 49.98 -4.05 -61.78
C GLU E 128 50.57 -5.37 -61.28
N GLY E 129 50.54 -6.39 -62.12
CA GLY E 129 51.06 -7.68 -61.76
C GLY E 129 50.05 -8.55 -61.04
N GLY E 130 50.58 -9.47 -60.25
CA GLY E 130 49.76 -10.40 -59.49
C GLY E 130 50.61 -11.14 -58.48
N GLY E 131 50.50 -10.75 -57.22
CA GLY E 131 51.42 -11.22 -56.21
C GLY E 131 50.77 -11.19 -54.84
N ILE E 132 51.60 -11.38 -53.81
CA ILE E 132 51.16 -11.57 -52.43
C ILE E 132 52.23 -11.07 -51.49
N LEU E 133 51.92 -10.04 -50.71
CA LEU E 133 52.94 -9.33 -49.96
C LEU E 133 53.54 -10.20 -48.84
N LEU E 134 54.86 -10.40 -48.90
CA LEU E 134 55.66 -10.99 -47.82
C LEU E 134 56.79 -10.03 -47.48
N ILE E 135 57.14 -9.91 -46.20
CA ILE E 135 58.01 -8.84 -45.77
C ILE E 135 59.18 -9.38 -44.97
N SER E 136 60.16 -8.49 -44.72
CA SER E 136 61.33 -8.83 -43.94
C SER E 136 60.96 -9.12 -42.49
N SER E 137 61.94 -9.64 -41.76
CA SER E 137 61.70 -10.13 -40.43
C SER E 137 62.02 -9.06 -39.40
N SER E 138 61.53 -9.30 -38.19
CA SER E 138 61.75 -8.45 -37.02
C SER E 138 63.17 -7.91 -36.91
N LYS E 142 69.98 -12.02 -40.68
CA LYS E 142 69.04 -13.11 -40.92
C LYS E 142 68.29 -12.88 -42.25
N GLN E 143 67.78 -13.95 -42.86
CA GLN E 143 67.04 -13.89 -44.13
C GLN E 143 65.67 -14.55 -43.96
N ASP E 144 64.68 -13.79 -43.47
CA ASP E 144 63.38 -14.34 -43.08
C ASP E 144 62.22 -13.51 -43.64
N PHE E 145 61.50 -14.08 -44.61
CA PHE E 145 60.31 -13.43 -45.17
C PHE E 145 59.02 -14.10 -44.69
N ILE E 146 58.46 -13.51 -43.64
CA ILE E 146 57.17 -13.86 -43.06
C ILE E 146 56.03 -13.12 -43.75
N LEU E 147 54.81 -13.42 -43.32
CA LEU E 147 53.60 -12.67 -43.60
C LEU E 147 53.43 -11.56 -42.56
N PRO E 148 52.66 -10.52 -42.89
CA PRO E 148 52.42 -9.45 -41.92
C PRO E 148 51.56 -9.92 -40.77
N LYS E 149 52.15 -10.21 -39.62
CA LYS E 149 51.43 -10.71 -38.47
C LYS E 149 51.49 -9.71 -37.33
N GLY E 150 50.66 -9.90 -36.31
CA GLY E 150 50.78 -9.07 -35.13
C GLY E 150 49.70 -9.37 -34.11
N GLY E 151 49.97 -8.96 -32.88
CA GLY E 151 48.99 -9.04 -31.81
C GLY E 151 47.93 -7.97 -31.91
N LEU E 152 47.25 -7.73 -30.78
CA LEU E 152 46.01 -6.94 -30.73
C LEU E 152 46.02 -6.10 -29.46
N GLU E 153 45.87 -4.78 -29.58
CA GLU E 153 45.83 -4.03 -28.32
C GLU E 153 44.47 -4.16 -27.64
N LYS E 154 44.44 -3.81 -26.35
CA LYS E 154 43.31 -4.13 -25.49
C LYS E 154 41.99 -3.65 -26.07
N GLY E 155 40.98 -4.55 -26.02
CA GLY E 155 39.68 -4.26 -26.56
C GLY E 155 39.55 -4.04 -28.06
N GLU E 156 40.63 -4.20 -28.82
CA GLU E 156 40.64 -3.86 -30.23
C GLU E 156 40.21 -5.05 -31.07
N ILE E 157 39.31 -4.82 -32.06
CA ILE E 157 38.78 -5.91 -32.87
C ILE E 157 39.85 -6.35 -33.86
N ALA E 158 39.79 -7.63 -34.26
CA ALA E 158 40.91 -8.24 -34.96
C ALA E 158 41.15 -7.58 -36.33
N TYR E 159 40.08 -7.33 -37.10
CA TYR E 159 40.22 -6.61 -38.34
C TYR E 159 40.87 -5.26 -38.11
N GLY E 160 40.69 -4.69 -36.92
CA GLY E 160 41.28 -3.40 -36.61
C GLY E 160 42.79 -3.42 -36.60
N ALA E 161 43.38 -4.44 -35.97
CA ALA E 161 44.82 -4.56 -35.86
C ALA E 161 45.46 -5.22 -37.07
N ALA E 162 44.69 -5.76 -37.99
CA ALA E 162 45.28 -6.23 -39.23
C ALA E 162 45.54 -5.07 -40.19
N LYS E 163 44.59 -4.13 -40.27
CA LYS E 163 44.79 -2.93 -41.09
C LYS E 163 45.98 -2.13 -40.57
N ARG E 164 45.96 -1.84 -39.27
CA ARG E 164 47.03 -1.13 -38.58
C ARG E 164 48.38 -1.76 -38.87
N GLU E 165 48.54 -3.01 -38.44
CA GLU E 165 49.85 -3.64 -38.43
C GLU E 165 50.42 -3.80 -39.84
N VAL E 166 49.58 -4.02 -40.85
CA VAL E 166 50.14 -4.14 -42.20
C VAL E 166 50.70 -2.80 -42.67
N LEU E 167 50.08 -1.68 -42.29
CA LEU E 167 50.66 -0.38 -42.60
C LEU E 167 51.74 -0.01 -41.57
N GLU E 168 51.45 -0.17 -40.27
CA GLU E 168 52.37 0.23 -39.21
C GLU E 168 53.71 -0.51 -39.24
N GLU E 169 53.82 -1.61 -40.01
CA GLU E 169 55.07 -2.38 -40.15
C GLU E 169 55.41 -2.69 -41.61
N GLY E 170 54.44 -3.00 -42.45
CA GLY E 170 54.73 -3.38 -43.83
C GLY E 170 54.29 -2.34 -44.84
N GLY E 171 53.72 -1.24 -44.33
CA GLY E 171 53.42 -0.04 -45.07
C GLY E 171 52.55 -0.09 -46.31
N VAL E 172 51.35 -0.68 -46.25
CA VAL E 172 50.31 -0.46 -47.25
C VAL E 172 48.97 -0.23 -46.56
N LYS E 173 48.01 0.27 -47.34
CA LYS E 173 46.61 0.37 -46.93
C LYS E 173 45.85 -0.72 -47.64
N VAL E 174 45.19 -1.57 -46.84
CA VAL E 174 44.51 -2.78 -47.28
C VAL E 174 43.03 -2.67 -46.96
N LYS E 175 42.21 -3.39 -47.72
CA LYS E 175 40.80 -3.50 -47.37
C LYS E 175 40.32 -4.95 -47.49
N LYS E 176 39.63 -5.40 -46.46
CA LYS E 176 39.14 -6.76 -46.32
C LYS E 176 38.37 -7.28 -47.54
N LEU E 177 38.77 -8.44 -48.04
CA LEU E 177 37.99 -9.18 -49.02
C LEU E 177 37.20 -10.32 -48.39
N LYS E 178 37.86 -11.14 -47.56
CA LYS E 178 37.22 -12.28 -46.90
C LYS E 178 37.89 -12.54 -45.55
N GLU E 179 37.08 -12.85 -44.54
CA GLU E 179 37.58 -13.29 -43.24
C GLU E 179 37.77 -14.81 -43.25
N LEU E 180 39.01 -15.28 -43.04
CA LEU E 180 39.29 -16.71 -42.90
C LEU E 180 39.08 -17.21 -41.48
N GLY E 181 39.04 -16.32 -40.51
CA GLY E 181 38.68 -16.74 -39.19
C GLY E 181 39.76 -17.54 -38.52
N VAL E 182 39.37 -18.06 -37.36
CA VAL E 182 40.26 -18.45 -36.28
C VAL E 182 40.70 -19.90 -36.43
N THR E 183 41.99 -20.11 -36.18
CA THR E 183 42.62 -21.41 -36.25
C THR E 183 43.61 -21.51 -35.09
N LEU E 184 43.90 -22.73 -34.66
CA LEU E 184 44.81 -22.92 -33.53
C LEU E 184 46.19 -23.33 -34.03
N VAL E 185 47.22 -22.69 -33.49
CA VAL E 185 48.62 -23.05 -33.71
C VAL E 185 49.28 -23.03 -32.34
N GLY E 186 49.83 -24.18 -31.92
CA GLY E 186 50.35 -24.31 -30.58
C GLY E 186 49.31 -23.89 -29.59
N ASP E 187 49.74 -23.12 -28.59
CA ASP E 187 48.84 -22.55 -27.60
C ASP E 187 48.12 -21.28 -28.09
N LYS E 188 48.62 -20.68 -29.18
CA LYS E 188 48.16 -19.40 -29.67
C LYS E 188 46.87 -19.55 -30.49
N THR E 189 46.32 -18.42 -30.91
CA THR E 189 45.01 -18.33 -31.56
C THR E 189 45.18 -17.38 -32.72
N TYR E 190 44.91 -17.85 -33.93
CA TYR E 190 45.28 -17.13 -35.14
C TYR E 190 44.05 -16.75 -35.97
N GLU E 191 43.64 -15.48 -35.97
CA GLU E 191 42.60 -15.03 -36.89
C GLU E 191 43.27 -14.41 -38.11
N SER E 192 42.86 -14.84 -39.30
CA SER E 192 43.57 -14.54 -40.53
C SER E 192 42.65 -13.83 -41.51
N PHE E 193 43.23 -12.98 -42.35
CA PHE E 193 42.45 -12.15 -43.27
C PHE E 193 43.01 -12.19 -44.69
N LEU E 194 42.14 -12.55 -45.65
CA LEU E 194 42.44 -12.36 -47.07
C LEU E 194 42.13 -10.92 -47.47
N MET E 195 43.15 -10.19 -47.93
CA MET E 195 42.99 -8.77 -48.20
C MET E 195 43.54 -8.40 -49.58
N ARG E 196 43.03 -7.27 -50.09
CA ARG E 196 43.55 -6.61 -51.28
C ARG E 196 44.08 -5.24 -50.86
N SER E 197 45.34 -4.96 -51.18
CA SER E 197 45.88 -3.63 -50.94
C SER E 197 45.59 -2.77 -52.15
N LYS E 198 45.17 -1.54 -51.90
CA LYS E 198 44.81 -0.62 -52.97
C LYS E 198 45.78 0.54 -53.14
N LYS E 199 46.53 0.94 -52.10
CA LYS E 199 47.48 2.06 -52.20
C LYS E 199 48.79 1.68 -51.48
N VAL E 200 49.79 1.30 -52.27
CA VAL E 200 51.06 0.77 -51.76
C VAL E 200 52.01 1.94 -51.52
N TYR E 201 52.10 2.40 -50.27
CA TYR E 201 52.87 3.60 -49.94
C TYR E 201 54.35 3.40 -50.31
N GLU E 202 54.99 4.48 -50.79
CA GLU E 202 56.36 4.42 -51.28
C GLU E 202 57.40 4.50 -50.18
N GLN E 203 57.00 4.90 -48.97
CA GLN E 203 57.86 4.82 -47.80
C GLN E 203 56.97 4.63 -46.59
N TRP E 204 57.53 4.01 -45.55
CA TRP E 204 56.80 3.38 -44.46
C TRP E 204 57.07 4.10 -43.15
N SER E 205 56.29 3.78 -42.13
CA SER E 205 56.67 4.05 -40.76
C SER E 205 57.71 3.04 -40.25
N GLU E 206 58.10 2.07 -41.09
CA GLU E 206 59.26 1.20 -40.91
C GLU E 206 59.64 0.68 -42.30
N SER E 207 60.41 1.49 -43.03
CA SER E 207 60.73 1.28 -44.44
C SER E 207 62.07 0.60 -44.65
N ARG E 208 62.79 0.30 -43.57
CA ARG E 208 64.00 -0.50 -43.68
C ARG E 208 63.71 -1.85 -44.33
N ARG E 209 62.72 -2.59 -43.81
CA ARG E 209 62.42 -3.96 -44.24
C ARG E 209 62.25 -4.08 -45.75
N LEU E 210 62.47 -5.28 -46.28
CA LEU E 210 62.15 -5.54 -47.67
C LEU E 210 60.68 -5.93 -47.78
N ARG E 211 60.22 -6.17 -49.00
CA ARG E 211 58.84 -6.55 -49.28
C ARG E 211 58.71 -6.89 -50.76
N VAL E 212 58.08 -8.01 -51.08
CA VAL E 212 57.90 -8.44 -52.46
C VAL E 212 56.55 -9.15 -52.62
N TRP E 213 56.16 -9.38 -53.88
CA TRP E 213 54.86 -9.92 -54.24
C TRP E 213 55.09 -11.18 -55.05
N LEU E 214 54.44 -12.28 -54.66
CA LEU E 214 54.76 -13.61 -55.16
C LEU E 214 53.52 -14.32 -55.69
N PRO E 215 53.70 -15.22 -56.64
CA PRO E 215 52.57 -16.07 -57.08
C PRO E 215 52.09 -16.96 -55.93
N TRP E 216 50.93 -17.62 -56.15
CA TRP E 216 50.44 -18.57 -55.15
C TRP E 216 51.46 -19.65 -54.87
N ASP E 217 51.86 -20.39 -55.91
CA ASP E 217 52.70 -21.56 -55.71
C ASP E 217 54.12 -21.21 -55.28
N ASP E 218 54.65 -20.08 -55.76
CA ASP E 218 56.00 -19.71 -55.37
C ASP E 218 56.03 -19.22 -53.93
N ALA E 219 55.03 -18.43 -53.51
CA ALA E 219 55.01 -17.90 -52.15
C ALA E 219 54.89 -19.02 -51.13
N ILE E 220 54.23 -20.12 -51.50
CA ILE E 220 54.08 -21.27 -50.61
C ILE E 220 55.45 -21.84 -50.25
N LEU E 221 56.24 -22.22 -51.26
CA LEU E 221 57.51 -22.92 -51.04
C LEU E 221 58.56 -22.03 -50.38
N LEU E 222 58.52 -20.72 -50.64
CA LEU E 222 59.41 -19.81 -49.91
C LEU E 222 59.11 -19.82 -48.42
N LEU E 223 57.84 -19.57 -48.06
CA LEU E 223 57.43 -19.68 -46.67
C LEU E 223 57.59 -21.10 -46.15
N LYS E 224 57.48 -22.10 -47.04
CA LYS E 224 57.58 -23.51 -46.67
C LYS E 224 58.99 -23.90 -46.23
N ALA E 225 60.00 -23.11 -46.60
CA ALA E 225 61.40 -23.46 -46.35
C ALA E 225 62.05 -22.55 -45.31
N ASN E 226 61.27 -21.90 -44.46
CA ASN E 226 61.79 -21.26 -43.26
C ASN E 226 61.05 -21.74 -42.00
N LYS E 227 60.21 -22.77 -42.15
CA LYS E 227 59.50 -23.45 -41.06
C LYS E 227 58.36 -22.59 -40.50
N HIS E 228 57.63 -21.91 -41.39
CA HIS E 228 56.43 -21.17 -41.01
C HIS E 228 55.21 -22.00 -41.39
N ASP E 229 54.93 -23.01 -40.56
CA ASP E 229 53.96 -24.02 -40.96
C ASP E 229 52.54 -23.50 -40.92
N GLU E 230 52.30 -22.48 -40.09
CA GLU E 230 50.97 -21.87 -40.06
C GLU E 230 50.77 -20.99 -41.28
N MET E 231 51.78 -20.21 -41.64
CA MET E 231 51.63 -19.34 -42.80
C MET E 231 51.44 -20.15 -44.07
N VAL E 232 51.99 -21.35 -44.14
CA VAL E 232 51.68 -22.21 -45.28
C VAL E 232 50.20 -22.55 -45.25
N GLU E 233 49.70 -22.94 -44.08
CA GLU E 233 48.28 -23.27 -43.94
C GLU E 233 47.40 -22.07 -44.25
N ILE E 234 47.83 -20.87 -43.86
CA ILE E 234 46.99 -19.70 -44.04
C ILE E 234 47.00 -19.25 -45.49
N VAL E 235 48.16 -19.31 -46.15
CA VAL E 235 48.24 -18.89 -47.55
C VAL E 235 47.47 -19.85 -48.44
N LYS E 236 47.58 -21.15 -48.17
CA LYS E 236 46.83 -22.12 -48.95
C LYS E 236 45.33 -22.00 -48.72
N GLN E 237 44.90 -21.47 -47.57
CA GLN E 237 43.46 -21.31 -47.34
C GLN E 237 42.93 -20.01 -47.94
N ALA E 238 43.79 -19.01 -48.07
CA ALA E 238 43.44 -17.79 -48.79
C ALA E 238 43.27 -18.07 -50.28
N ARG E 239 44.24 -18.80 -50.86
CA ARG E 239 44.16 -19.20 -52.26
C ARG E 239 42.83 -19.85 -52.59
N ALA E 240 42.53 -20.97 -51.93
CA ALA E 240 41.30 -21.71 -52.23
C ALA E 240 40.07 -20.90 -51.89
N ALA E 241 40.17 -19.96 -50.94
CA ALA E 241 39.05 -19.08 -50.63
C ALA E 241 38.96 -17.91 -51.59
N ALA E 242 40.11 -17.46 -52.13
CA ALA E 242 40.10 -16.39 -53.12
C ALA E 242 39.45 -16.85 -54.43
N ALA E 243 39.71 -18.09 -54.84
CA ALA E 243 39.17 -18.61 -56.10
C ALA E 243 37.64 -18.59 -56.11
N ALA E 244 37.00 -18.93 -54.97
CA ALA E 244 35.54 -18.83 -54.88
C ALA E 244 35.05 -17.39 -55.01
N LYS E 245 35.94 -16.41 -54.86
CA LYS E 245 35.62 -15.00 -55.09
C LYS E 245 35.98 -14.58 -56.53
N VAL F 41 -15.12 24.97 57.53
CA VAL F 41 -15.28 23.93 56.53
C VAL F 41 -16.71 23.42 56.61
N ASP F 42 -17.64 24.35 56.82
CA ASP F 42 -19.06 24.04 56.83
C ASP F 42 -19.68 24.01 55.44
N THR F 43 -19.08 24.71 54.47
CA THR F 43 -19.65 24.81 53.14
C THR F 43 -19.24 23.65 52.24
N VAL F 44 -17.94 23.47 52.03
CA VAL F 44 -17.48 22.56 50.98
C VAL F 44 -17.72 21.09 51.36
N MET F 45 -17.72 20.76 52.65
CA MET F 45 -18.02 19.38 53.05
C MET F 45 -19.42 18.98 52.62
N GLU F 46 -20.39 19.91 52.71
CA GLU F 46 -21.72 19.66 52.17
C GLU F 46 -21.71 19.68 50.64
N HIS F 47 -20.95 20.61 50.05
CA HIS F 47 -20.91 20.77 48.59
C HIS F 47 -20.62 19.45 47.88
N TYR F 48 -19.74 18.64 48.45
CA TYR F 48 -19.42 17.34 47.86
C TYR F 48 -20.66 16.47 47.79
N PRO F 49 -20.92 15.79 46.68
CA PRO F 49 -22.19 15.10 46.49
C PRO F 49 -22.46 14.10 47.61
N LYS F 50 -23.74 14.01 47.99
CA LYS F 50 -24.17 13.23 49.13
C LYS F 50 -23.74 11.76 49.00
N GLY F 51 -23.89 11.02 50.10
CA GLY F 51 -23.40 9.66 50.13
C GLY F 51 -21.89 9.64 50.23
N LEU F 52 -21.36 8.89 51.20
CA LEU F 52 -19.93 8.76 51.43
C LEU F 52 -19.70 7.80 52.58
N SER F 53 -18.47 7.75 53.09
CA SER F 53 -18.20 7.04 54.34
C SER F 53 -17.66 8.02 55.37
N GLU F 54 -17.55 7.54 56.60
CA GLU F 54 -16.94 8.34 57.66
C GLU F 54 -15.46 8.57 57.36
N LYS F 55 -14.76 7.51 56.95
CA LYS F 55 -13.32 7.61 56.68
C LYS F 55 -13.03 8.70 55.65
N ALA F 56 -13.81 8.74 54.58
CA ALA F 56 -13.58 9.72 53.52
C ALA F 56 -13.85 11.14 54.02
N ILE F 57 -14.92 11.32 54.80
CA ILE F 57 -15.31 12.67 55.21
C ILE F 57 -14.22 13.32 56.05
N LYS F 58 -13.58 12.54 56.93
CA LYS F 58 -12.50 13.05 57.77
C LYS F 58 -11.30 13.48 56.91
N GLU F 59 -10.83 12.59 56.04
CA GLU F 59 -9.75 12.93 55.11
C GLU F 59 -10.18 13.95 54.05
N LEU F 60 -11.50 14.21 53.91
CA LEU F 60 -11.97 15.25 52.99
C LEU F 60 -11.94 16.63 53.64
N ARG F 61 -12.10 16.70 54.96
CA ARG F 61 -11.93 17.98 55.65
C ARG F 61 -10.46 18.27 55.90
N THR F 62 -9.64 17.22 56.08
CA THR F 62 -8.21 17.37 56.31
C THR F 62 -7.51 18.07 55.16
N ALA F 63 -8.01 17.90 53.93
CA ALA F 63 -7.48 18.63 52.79
C ALA F 63 -8.14 20.00 52.63
N GLU F 64 -9.44 20.09 52.92
CA GLU F 64 -10.13 21.38 52.88
C GLU F 64 -9.48 22.40 53.83
N THR F 65 -8.81 21.93 54.89
CA THR F 65 -8.20 22.86 55.84
C THR F 65 -6.80 23.33 55.40
N LYS F 66 -5.97 22.43 54.85
CA LYS F 66 -4.73 22.84 54.18
C LYS F 66 -4.98 23.38 52.78
N ARG F 67 -6.25 23.37 52.33
CA ARG F 67 -6.71 23.97 51.09
C ARG F 67 -6.59 25.49 51.13
N PHE F 68 -7.52 26.13 51.87
CA PHE F 68 -7.62 27.59 51.88
C PHE F 68 -6.44 28.24 52.58
N THR F 69 -5.85 27.56 53.56
CA THR F 69 -4.65 28.05 54.24
C THR F 69 -3.64 28.58 53.24
N ASP F 70 -3.23 27.73 52.28
CA ASP F 70 -2.27 28.14 51.27
C ASP F 70 -2.78 29.32 50.43
N TYR F 71 -4.10 29.49 50.34
CA TYR F 71 -4.68 30.56 49.54
C TYR F 71 -4.37 31.89 50.20
N GLY F 114 -1.78 12.90 25.17
CA GLY F 114 -1.40 13.23 23.83
C GLY F 114 -1.52 11.97 22.99
N ARG F 115 -2.70 11.39 23.03
CA ARG F 115 -2.98 10.02 22.56
C ARG F 115 -2.18 8.96 23.33
N SER F 116 -1.69 9.26 24.53
CA SER F 116 -1.16 8.25 25.44
C SER F 116 -1.16 8.79 26.85
N VAL F 117 -1.51 7.94 27.81
CA VAL F 117 -1.73 8.33 29.20
C VAL F 117 -1.44 7.14 30.07
N VAL F 118 -0.76 7.35 31.19
CA VAL F 118 -0.60 6.30 32.17
C VAL F 118 -1.46 6.69 33.34
N CYS F 119 -1.87 5.71 34.14
CA CYS F 119 -2.95 5.98 35.09
C CYS F 119 -2.79 5.00 36.22
N ASN F 120 -2.66 5.52 37.44
CA ASN F 120 -2.14 4.77 38.59
C ASN F 120 -3.20 4.60 39.66
N VAL F 121 -3.90 3.48 39.62
CA VAL F 121 -4.65 3.15 40.81
C VAL F 121 -3.63 2.64 41.81
N VAL F 122 -3.31 3.47 42.80
CA VAL F 122 -2.25 3.18 43.75
C VAL F 122 -2.88 2.93 45.13
N MET F 123 -2.94 1.66 45.52
CA MET F 123 -3.58 1.26 46.76
C MET F 123 -2.58 1.24 47.91
N ARG F 124 -3.09 1.04 49.13
CA ARG F 124 -2.27 0.91 50.32
C ARG F 124 -2.75 -0.26 51.17
N SER F 125 -1.79 -0.90 51.83
CA SER F 125 -2.10 -1.88 52.87
C SER F 125 -2.68 -1.17 54.08
N GLU F 126 -3.35 -1.94 54.95
CA GLU F 126 -3.91 -1.33 56.14
C GLU F 126 -2.84 -0.86 57.12
N ALA F 127 -1.59 -1.36 56.99
CA ALA F 127 -0.53 -0.95 57.91
C ALA F 127 -0.07 0.48 57.67
N GLU F 128 -0.30 1.02 56.47
CA GLU F 128 -0.15 2.45 56.16
C GLU F 128 -1.50 3.06 55.85
N GLY F 129 -2.53 2.65 56.60
CA GLY F 129 -3.87 3.18 56.45
C GLY F 129 -4.73 2.36 55.52
N GLY F 130 -4.33 2.32 54.26
CA GLY F 130 -5.12 1.74 53.21
C GLY F 130 -5.69 2.81 52.30
N GLY F 131 -6.70 2.42 51.53
CA GLY F 131 -7.37 3.33 50.62
C GLY F 131 -6.68 3.40 49.27
N ILE F 132 -7.30 4.14 48.36
CA ILE F 132 -6.83 4.28 46.99
C ILE F 132 -6.48 5.75 46.80
N LEU F 133 -5.22 6.03 46.52
CA LEU F 133 -4.76 7.43 46.56
C LEU F 133 -5.33 8.21 45.38
N LEU F 134 -6.28 9.12 45.67
CA LEU F 134 -6.71 10.14 44.72
C LEU F 134 -5.98 11.45 45.02
N ILE F 135 -5.93 12.35 44.03
CA ILE F 135 -5.31 13.65 44.23
C ILE F 135 -6.23 14.74 43.67
N SER F 136 -5.79 15.99 43.80
CA SER F 136 -6.55 17.15 43.35
C SER F 136 -6.15 17.54 41.92
N SER F 137 -6.83 18.55 41.38
CA SER F 137 -6.65 18.98 39.99
C SER F 137 -5.48 19.95 39.84
N SER F 138 -5.34 20.52 38.63
CA SER F 138 -4.38 21.59 38.37
C SER F 138 -4.93 22.93 38.84
N LYS F 139 -6.21 23.19 38.60
CA LYS F 139 -6.90 24.32 39.23
C LYS F 139 -7.09 24.02 40.71
N LEU F 140 -6.16 24.48 41.55
CA LEU F 140 -6.32 24.35 42.99
C LEU F 140 -7.59 25.04 43.48
N ASP F 141 -8.14 25.97 42.69
CA ASP F 141 -9.42 26.63 42.99
C ASP F 141 -10.58 25.64 42.98
N LYS F 142 -10.83 25.01 41.83
CA LYS F 142 -11.93 24.06 41.68
C LYS F 142 -11.70 22.80 42.52
N GLN F 143 -12.77 21.99 42.69
CA GLN F 143 -12.76 20.84 43.61
C GLN F 143 -13.17 19.55 42.89
N ASP F 144 -12.30 19.07 41.99
CA ASP F 144 -12.41 17.72 41.43
C ASP F 144 -11.18 16.89 41.79
N PHE F 145 -11.39 15.58 41.94
CA PHE F 145 -10.38 14.68 42.49
C PHE F 145 -10.17 13.48 41.54
N ILE F 146 -9.30 13.68 40.55
CA ILE F 146 -8.83 12.64 39.65
C ILE F 146 -7.88 11.69 40.40
N LEU F 147 -7.50 10.60 39.75
CA LEU F 147 -6.39 9.79 40.23
C LEU F 147 -5.16 10.02 39.35
N PRO F 148 -3.95 9.75 39.87
CA PRO F 148 -2.73 10.19 39.18
C PRO F 148 -2.66 9.75 37.72
N LYS F 149 -2.32 10.67 36.84
CA LYS F 149 -2.48 10.42 35.41
C LYS F 149 -1.42 11.16 34.60
N GLY F 150 -1.44 10.93 33.29
CA GLY F 150 -0.78 11.79 32.32
C GLY F 150 0.64 11.37 31.96
N GLY F 151 1.00 11.65 30.70
CA GLY F 151 2.37 11.99 30.31
C GLY F 151 3.35 10.87 30.02
N LEU F 152 4.07 10.97 28.90
CA LEU F 152 4.90 9.84 28.45
C LEU F 152 5.90 10.36 27.42
N GLU F 153 7.19 10.45 27.82
CA GLU F 153 8.24 11.06 27.01
C GLU F 153 8.70 10.12 25.90
N LYS F 154 9.43 10.69 24.92
CA LYS F 154 9.69 10.08 23.60
C LYS F 154 10.35 8.69 23.65
N GLY F 155 10.77 8.22 24.83
CA GLY F 155 11.22 6.85 25.00
C GLY F 155 10.82 6.32 26.36
N GLU F 156 9.90 7.04 27.02
CA GLU F 156 9.27 6.54 28.25
C GLU F 156 8.53 5.23 28.00
N ILE F 157 8.83 4.22 28.84
CA ILE F 157 7.97 3.05 28.95
C ILE F 157 6.93 3.36 30.02
N ALA F 158 5.72 2.86 29.79
CA ALA F 158 4.58 3.25 30.60
C ALA F 158 4.78 2.95 32.09
N TYR F 159 5.50 1.89 32.43
CA TYR F 159 5.77 1.68 33.85
C TYR F 159 6.71 2.74 34.38
N GLY F 160 7.46 3.41 33.50
CA GLY F 160 8.35 4.49 33.87
C GLY F 160 7.58 5.77 34.14
N ALA F 161 6.98 6.33 33.09
CA ALA F 161 6.06 7.45 33.22
C ALA F 161 5.22 7.32 34.48
N ALA F 162 4.78 6.10 34.79
CA ALA F 162 3.89 5.93 35.92
C ALA F 162 4.58 6.28 37.23
N LYS F 163 5.80 5.79 37.44
CA LYS F 163 6.50 6.10 38.69
C LYS F 163 6.74 7.61 38.84
N ARG F 164 6.97 8.30 37.71
CA ARG F 164 7.14 9.76 37.72
C ARG F 164 5.97 10.44 38.37
N GLU F 165 4.80 10.39 37.70
CA GLU F 165 3.61 11.13 38.10
C GLU F 165 3.18 10.86 39.54
N VAL F 166 3.37 9.63 40.04
CA VAL F 166 2.97 9.34 41.42
C VAL F 166 3.92 10.01 42.41
N LEU F 167 5.20 10.20 42.05
CA LEU F 167 6.15 11.01 42.81
C LEU F 167 6.12 12.49 42.41
N GLU F 168 6.55 12.81 41.19
CA GLU F 168 6.61 14.20 40.76
C GLU F 168 5.29 14.92 40.97
N GLU F 169 4.18 14.34 40.50
CA GLU F 169 2.90 15.04 40.49
C GLU F 169 2.02 14.77 41.70
N GLY F 170 2.25 13.70 42.46
CA GLY F 170 1.38 13.43 43.59
C GLY F 170 2.13 12.88 44.80
N GLY F 171 3.44 13.10 44.82
CA GLY F 171 4.33 12.67 45.89
C GLY F 171 4.13 11.32 46.53
N VAL F 172 4.50 10.23 45.84
CA VAL F 172 4.54 8.90 46.44
C VAL F 172 5.43 8.03 45.56
N LYS F 173 6.08 7.04 46.18
CA LYS F 173 6.93 6.09 45.48
C LYS F 173 6.31 4.71 45.66
N VAL F 174 6.10 4.01 44.56
CA VAL F 174 5.31 2.78 44.54
C VAL F 174 5.91 1.82 43.52
N LYS F 175 5.87 0.52 43.82
CA LYS F 175 6.17 -0.53 42.86
C LYS F 175 4.88 -1.21 42.44
N LYS F 176 4.89 -1.80 41.24
CA LYS F 176 3.67 -2.31 40.62
C LYS F 176 3.30 -3.68 41.15
N LEU F 177 1.99 -3.92 41.18
CA LEU F 177 1.44 -5.25 41.44
C LEU F 177 1.10 -5.95 40.12
N LYS F 178 0.22 -5.36 39.30
CA LYS F 178 -0.28 -5.97 38.07
C LYS F 178 -0.45 -4.90 37.00
N GLU F 179 -0.35 -5.33 35.73
CA GLU F 179 -0.39 -4.45 34.57
C GLU F 179 -1.79 -4.50 33.97
N LEU F 180 -2.61 -3.46 34.20
CA LEU F 180 -4.02 -3.55 33.83
C LEU F 180 -4.28 -3.37 32.33
N GLY F 181 -3.30 -2.93 31.55
CA GLY F 181 -3.38 -3.03 30.11
C GLY F 181 -3.85 -1.75 29.45
N VAL F 182 -3.70 -1.72 28.14
CA VAL F 182 -4.12 -0.59 27.31
C VAL F 182 -5.63 -0.64 27.08
N THR F 183 -6.30 0.49 27.26
CA THR F 183 -7.70 0.62 26.86
C THR F 183 -7.91 1.94 26.14
N LEU F 184 -8.83 1.95 25.20
CA LEU F 184 -9.14 3.16 24.46
C LEU F 184 -10.20 4.00 25.18
N VAL F 185 -9.92 5.29 25.29
CA VAL F 185 -10.75 6.22 26.01
C VAL F 185 -10.86 7.41 25.07
N GLY F 186 -11.93 7.44 24.29
CA GLY F 186 -12.11 8.39 23.22
C GLY F 186 -10.99 8.88 22.33
N ASP F 187 -10.45 8.02 21.46
CA ASP F 187 -9.30 8.31 20.60
C ASP F 187 -8.07 8.80 21.39
N LYS F 188 -7.64 7.96 22.33
CA LYS F 188 -6.54 8.22 23.25
C LYS F 188 -6.26 6.92 23.98
N THR F 189 -5.02 6.48 24.12
CA THR F 189 -4.78 5.13 24.61
C THR F 189 -4.25 5.21 26.02
N TYR F 190 -4.99 4.66 26.97
CA TYR F 190 -4.67 4.71 28.39
C TYR F 190 -4.10 3.37 28.84
N GLU F 191 -2.82 3.32 29.17
CA GLU F 191 -2.32 2.19 29.92
C GLU F 191 -2.48 2.50 31.40
N SER F 192 -2.66 1.47 32.21
CA SER F 192 -3.04 1.66 33.60
C SER F 192 -2.27 0.66 34.44
N PHE F 193 -2.10 0.98 35.71
CA PHE F 193 -1.31 0.13 36.59
C PHE F 193 -1.97 0.05 37.95
N LEU F 194 -2.01 -1.15 38.51
CA LEU F 194 -2.40 -1.36 39.90
C LEU F 194 -1.12 -1.48 40.73
N MET F 195 -0.93 -0.57 41.70
CA MET F 195 0.34 -0.42 42.37
C MET F 195 0.18 -0.23 43.87
N ARG F 196 0.92 -1.03 44.67
CA ARG F 196 0.87 -0.96 46.14
C ARG F 196 1.94 -0.02 46.67
N SER F 197 1.53 0.90 47.57
CA SER F 197 2.35 2.03 48.00
C SER F 197 3.47 1.62 48.94
N LYS F 198 4.58 2.36 48.86
CA LYS F 198 5.79 2.04 49.62
C LYS F 198 6.32 3.18 50.49
N LYS F 199 6.07 4.45 50.15
CA LYS F 199 6.54 5.57 50.98
C LYS F 199 5.89 6.87 50.54
N VAL F 200 5.81 7.82 51.46
CA VAL F 200 5.21 9.13 51.22
C VAL F 200 6.10 10.28 51.70
N TYR F 201 6.87 10.87 50.77
CA TYR F 201 7.76 11.98 51.12
C TYR F 201 6.96 13.20 51.60
N GLU F 202 7.62 14.03 52.42
CA GLU F 202 6.94 15.12 53.09
C GLU F 202 6.56 16.28 52.18
N GLN F 203 7.03 16.28 50.93
CA GLN F 203 6.68 17.27 49.92
C GLN F 203 7.16 16.78 48.57
N TRP F 204 6.77 17.50 47.51
CA TRP F 204 7.03 17.12 46.13
C TRP F 204 7.06 18.38 45.27
N SER F 205 7.94 18.37 44.26
CA SER F 205 8.16 19.55 43.42
C SER F 205 6.99 19.74 42.46
N GLU F 206 5.80 19.91 43.04
CA GLU F 206 4.64 20.40 42.30
C GLU F 206 4.05 21.60 43.03
N SER F 207 3.38 21.33 44.14
CA SER F 207 2.87 22.37 45.04
C SER F 207 2.27 21.84 46.33
N ARG F 208 1.19 22.47 46.80
CA ARG F 208 0.48 22.03 48.00
C ARG F 208 -0.83 21.43 47.45
N ARG F 209 -0.70 20.23 46.88
CA ARG F 209 -1.83 19.52 46.31
C ARG F 209 -2.57 18.75 47.42
N LEU F 210 -3.64 18.05 47.05
CA LEU F 210 -4.59 17.49 48.02
C LEU F 210 -4.60 15.97 47.95
N ARG F 211 -3.86 15.34 48.87
CA ARG F 211 -3.87 13.90 49.02
C ARG F 211 -5.14 13.44 49.73
N VAL F 212 -5.66 12.28 49.34
CA VAL F 212 -6.82 11.65 49.98
C VAL F 212 -6.72 10.14 49.76
N TRP F 213 -7.06 9.37 50.79
CA TRP F 213 -6.85 7.93 50.79
C TRP F 213 -8.19 7.20 50.95
N LEU F 214 -9.08 7.37 49.94
CA LEU F 214 -10.43 6.83 49.94
C LEU F 214 -10.45 5.32 49.71
N PRO F 215 -11.42 4.61 50.30
CA PRO F 215 -11.61 3.18 49.99
C PRO F 215 -12.25 2.94 48.63
N TRP F 216 -12.56 1.69 48.30
CA TRP F 216 -13.03 1.35 46.97
C TRP F 216 -14.27 2.16 46.59
N ASP F 217 -15.42 1.85 47.21
CA ASP F 217 -16.69 2.42 46.80
C ASP F 217 -16.72 3.94 46.95
N ASP F 218 -15.93 4.45 47.89
CA ASP F 218 -15.88 5.89 48.15
C ASP F 218 -15.10 6.61 47.05
N ALA F 219 -14.00 5.98 46.60
CA ALA F 219 -13.25 6.50 45.46
C ALA F 219 -14.12 6.52 44.21
N ILE F 220 -14.83 5.42 43.95
CA ILE F 220 -15.75 5.36 42.81
C ILE F 220 -16.77 6.48 42.92
N LEU F 221 -17.31 6.67 44.13
CA LEU F 221 -18.38 7.64 44.34
C LEU F 221 -17.93 9.03 43.97
N LEU F 222 -16.84 9.49 44.60
CA LEU F 222 -16.28 10.79 44.28
C LEU F 222 -16.01 10.93 42.78
N LEU F 223 -15.58 9.83 42.15
CA LEU F 223 -15.10 9.87 40.76
C LEU F 223 -16.26 10.02 39.78
N LYS F 224 -17.37 9.30 40.01
CA LYS F 224 -18.57 9.45 39.21
C LYS F 224 -19.05 10.89 39.24
N ALA F 225 -19.04 11.50 40.44
CA ALA F 225 -19.50 12.87 40.63
C ALA F 225 -18.91 13.83 39.60
N ASN F 226 -17.59 13.86 39.50
CA ASN F 226 -16.92 14.79 38.60
C ASN F 226 -16.96 14.33 37.12
N LYS F 227 -17.84 13.38 36.78
CA LYS F 227 -17.99 12.86 35.42
C LYS F 227 -16.66 12.35 34.86
N HIS F 228 -15.99 11.51 35.65
CA HIS F 228 -14.70 10.93 35.32
C HIS F 228 -14.91 9.45 34.98
N ASP F 229 -15.33 9.22 33.73
CA ASP F 229 -15.77 7.90 33.28
C ASP F 229 -14.60 6.96 33.11
N GLU F 230 -13.48 7.48 32.61
CA GLU F 230 -12.30 6.65 32.45
C GLU F 230 -11.85 6.08 33.78
N MET F 231 -11.75 6.93 34.82
CA MET F 231 -11.22 6.44 36.10
C MET F 231 -12.15 5.40 36.70
N VAL F 232 -13.46 5.68 36.69
CA VAL F 232 -14.40 4.75 37.31
C VAL F 232 -14.36 3.38 36.63
N GLU F 233 -14.21 3.35 35.30
CA GLU F 233 -14.06 2.08 34.59
C GLU F 233 -12.74 1.42 34.93
N ILE F 234 -11.69 2.23 35.14
CA ILE F 234 -10.35 1.70 35.41
C ILE F 234 -10.22 1.21 36.85
N VAL F 235 -10.89 1.89 37.79
CA VAL F 235 -10.83 1.48 39.19
C VAL F 235 -11.49 0.11 39.40
N LYS F 236 -12.66 -0.10 38.77
CA LYS F 236 -13.33 -1.40 38.79
C LYS F 236 -12.35 -2.50 38.39
N GLN F 237 -11.86 -2.47 37.15
CA GLN F 237 -10.96 -3.54 36.72
C GLN F 237 -9.70 -3.62 37.58
N ALA F 238 -9.42 -2.59 38.38
CA ALA F 238 -8.25 -2.58 39.25
C ALA F 238 -8.52 -3.23 40.59
N ARG F 239 -9.75 -3.15 41.10
CA ARG F 239 -10.12 -3.87 42.32
C ARG F 239 -10.34 -5.34 42.03
N ALA F 240 -11.03 -5.64 40.92
CA ALA F 240 -11.31 -7.01 40.55
C ALA F 240 -10.02 -7.81 40.40
N ALA F 241 -9.05 -7.26 39.67
CA ALA F 241 -7.76 -7.94 39.56
C ALA F 241 -7.06 -8.05 40.90
N ALA F 242 -7.27 -7.06 41.78
CA ALA F 242 -6.65 -7.08 43.11
C ALA F 242 -7.17 -8.25 43.93
N ALA F 243 -8.46 -8.53 43.84
CA ALA F 243 -9.04 -9.69 44.52
C ALA F 243 -8.23 -10.95 44.22
N ALA F 244 -7.89 -11.18 42.95
CA ALA F 244 -7.15 -12.39 42.57
C ALA F 244 -5.73 -12.40 43.15
N LYS F 245 -5.07 -11.24 43.19
CA LYS F 245 -3.68 -11.15 43.66
C LYS F 245 -3.54 -11.47 45.16
#